data_7JUO
#
_entry.id   7JUO
#
_cell.length_a   175.956
_cell.length_b   70.132
_cell.length_c   107.261
_cell.angle_alpha   90.000
_cell.angle_beta   120.370
_cell.angle_gamma   90.000
#
_symmetry.space_group_name_H-M   'C 1 2 1'
#
loop_
_entity.id
_entity.type
_entity.pdbx_description
1 polymer 'CREB-binding protein'
2 non-polymer N-{1-[1,1-di(pyridin-2-yl)ethyl]-6-(1-methyl-7-oxo-6,7-dihydro-1H-pyrrolo[2,3-c]pyridin-3-yl)-1H-indol-4-yl}ethanesulfonamide
3 water water
#
_entity_poly.entity_id   1
_entity_poly.type   'polypeptide(L)'
_entity_poly.pdbx_seq_one_letter_code
;GSKKIFKPEELRQALMPTLEALYRQDPESLPFRQPVDPQLLGIPDYFDIVKNPMDLSTIKRKLDTGQYQEPWQYVDDVWL
MFNNAWLYNRKTSRVYKFCSKLAEVFEQEIDPVMQSLG
;
_entity_poly.pdbx_strand_id   A,D,C,B,F,G,H,E
#
loop_
_chem_comp.id
_chem_comp.type
_chem_comp.name
_chem_comp.formula
YF2 non-polymer N-{1-[1,1-di(pyridin-2-yl)ethyl]-6-(1-methyl-7-oxo-6,7-dihydro-1H-pyrrolo[2,3-c]pyridin-3-yl)-1H-indol-4-yl}ethanesulfonamide 'C30 H28 N6 O3 S'
#
# COMPACT_ATOMS: atom_id res chain seq x y z
N ILE A 5 39.44 -1.16 -42.12
CA ILE A 5 39.12 -0.16 -41.03
C ILE A 5 38.15 0.88 -41.60
N PHE A 6 37.14 1.27 -40.81
CA PHE A 6 36.23 2.42 -41.08
C PHE A 6 36.42 3.47 -39.97
N LYS A 7 36.18 4.73 -40.31
CA LYS A 7 36.27 5.81 -39.30
C LYS A 7 34.84 6.17 -38.89
N PRO A 8 34.58 6.65 -37.67
CA PRO A 8 33.21 6.88 -37.25
C PRO A 8 32.43 7.84 -38.16
N GLU A 9 33.08 8.88 -38.67
CA GLU A 9 32.37 9.83 -39.54
C GLU A 9 31.87 9.16 -40.82
N GLU A 10 32.69 8.34 -41.48
CA GLU A 10 32.19 7.77 -42.76
C GLU A 10 31.01 6.84 -42.48
N LEU A 11 31.12 6.03 -41.44
CA LEU A 11 30.01 5.12 -41.12
C LEU A 11 28.75 5.93 -40.84
N ARG A 12 28.84 7.02 -40.10
CA ARG A 12 27.63 7.82 -39.84
C ARG A 12 27.11 8.39 -41.15
N GLN A 13 28.00 8.94 -41.95
CA GLN A 13 27.55 9.60 -43.19
C GLN A 13 26.90 8.57 -44.10
N ALA A 14 27.49 7.40 -44.21
CA ALA A 14 26.93 6.33 -45.07
C ALA A 14 25.61 5.76 -44.56
N LEU A 15 25.50 5.48 -43.28
CA LEU A 15 24.33 4.75 -42.76
C LEU A 15 23.23 5.62 -42.17
N MET A 16 23.51 6.87 -41.81
CA MET A 16 22.45 7.67 -41.14
C MET A 16 21.24 7.85 -42.06
N PRO A 17 21.38 8.04 -43.37
CA PRO A 17 20.19 8.19 -44.20
C PRO A 17 19.31 6.95 -44.15
N THR A 18 19.87 5.75 -44.10
CA THR A 18 18.99 4.57 -43.98
C THR A 18 18.19 4.65 -42.68
N LEU A 19 18.81 5.05 -41.58
CA LEU A 19 18.09 5.22 -40.29
C LEU A 19 17.05 6.33 -40.44
N GLU A 20 17.40 7.42 -41.13
CA GLU A 20 16.45 8.54 -41.34
C GLU A 20 15.23 8.03 -42.10
N ALA A 21 15.43 7.18 -43.10
CA ALA A 21 14.30 6.58 -43.85
C ALA A 21 13.32 5.95 -42.86
N LEU A 22 13.81 5.13 -41.94
CA LEU A 22 12.93 4.52 -40.91
C LEU A 22 12.19 5.62 -40.12
N TYR A 23 12.90 6.68 -39.67
CA TYR A 23 12.32 7.76 -38.82
C TYR A 23 11.25 8.53 -39.60
N ARG A 24 11.44 8.64 -40.93
CA ARG A 24 10.56 9.37 -41.88
C ARG A 24 9.15 8.77 -41.83
N GLN A 25 9.05 7.46 -41.63
CA GLN A 25 7.76 6.71 -41.70
C GLN A 25 6.88 7.08 -40.49
N ASP A 26 5.79 7.81 -40.72
CA ASP A 26 4.84 8.32 -39.69
C ASP A 26 3.45 7.80 -40.06
N PRO A 27 2.77 6.97 -39.22
CA PRO A 27 3.13 6.72 -37.81
C PRO A 27 3.92 5.44 -37.45
N GLU A 28 4.57 4.80 -38.42
CA GLU A 28 5.16 3.45 -38.30
C GLU A 28 6.32 3.45 -37.29
N SER A 29 7.17 4.46 -37.32
CA SER A 29 8.44 4.45 -36.53
C SER A 29 8.18 4.89 -35.09
N LEU A 30 7.06 5.56 -34.83
CA LEU A 30 6.84 6.26 -33.52
C LEU A 30 7.13 5.30 -32.36
N PRO A 31 6.62 4.05 -32.35
CA PRO A 31 6.81 3.15 -31.20
C PRO A 31 8.25 2.66 -31.09
N PHE A 32 9.01 2.77 -32.19
CA PHE A 32 10.41 2.30 -32.28
C PHE A 32 11.41 3.41 -31.93
N ARG A 33 10.97 4.63 -31.70
CA ARG A 33 11.86 5.83 -31.62
C ARG A 33 12.58 5.88 -30.26
N GLN A 34 11.98 5.29 -29.22
CA GLN A 34 12.51 5.19 -27.86
C GLN A 34 12.30 3.77 -27.31
N PRO A 35 13.09 3.35 -26.31
CA PRO A 35 12.94 2.03 -25.74
C PRO A 35 11.57 1.86 -25.07
N VAL A 36 11.01 0.66 -25.14
CA VAL A 36 9.67 0.32 -24.58
C VAL A 36 9.77 0.38 -23.05
N ASP A 37 8.75 0.86 -22.35
CA ASP A 37 8.51 0.66 -20.89
C ASP A 37 7.32 -0.29 -20.67
N PRO A 38 7.58 -1.62 -20.51
CA PRO A 38 6.52 -2.61 -20.62
C PRO A 38 5.58 -2.48 -19.43
N GLN A 39 6.06 -2.01 -18.27
CA GLN A 39 5.21 -1.83 -17.07
C GLN A 39 4.20 -0.72 -17.36
N LEU A 40 4.64 0.35 -18.03
CA LEU A 40 3.78 1.50 -18.41
C LEU A 40 2.68 1.03 -19.39
N LEU A 41 3.00 0.12 -20.31
CA LEU A 41 2.06 -0.30 -21.38
C LEU A 41 1.13 -1.40 -20.87
N GLY A 42 1.48 -2.03 -19.74
CA GLY A 42 0.75 -3.18 -19.18
C GLY A 42 1.05 -4.47 -19.93
N ILE A 43 2.30 -4.66 -20.36
CA ILE A 43 2.78 -5.88 -21.07
C ILE A 43 4.00 -6.40 -20.31
N PRO A 44 3.82 -6.89 -19.07
CA PRO A 44 4.95 -7.15 -18.16
C PRO A 44 5.81 -8.37 -18.52
N ASP A 45 5.36 -9.15 -19.51
CA ASP A 45 6.05 -10.35 -20.05
C ASP A 45 7.07 -9.97 -21.12
N TYR A 46 7.29 -8.68 -21.40
CA TYR A 46 7.99 -8.22 -22.63
C TYR A 46 9.47 -8.60 -22.57
N PHE A 47 10.11 -8.38 -21.42
CA PHE A 47 11.56 -8.65 -21.23
C PHE A 47 11.79 -10.12 -20.85
N ASP A 48 10.72 -10.92 -20.67
CA ASP A 48 10.81 -12.42 -20.58
C ASP A 48 11.13 -12.99 -21.95
N ILE A 49 10.41 -12.48 -22.96
CA ILE A 49 10.42 -12.91 -24.39
C ILE A 49 11.52 -12.16 -25.17
N VAL A 50 11.64 -10.84 -25.02
CA VAL A 50 12.63 -10.02 -25.79
C VAL A 50 13.90 -9.87 -24.96
N LYS A 51 14.88 -10.75 -25.15
CA LYS A 51 16.06 -10.86 -24.26
C LYS A 51 17.01 -9.69 -24.49
N ASN A 52 17.06 -9.12 -25.71
CA ASN A 52 18.02 -8.05 -26.09
C ASN A 52 17.27 -6.93 -26.78
N PRO A 53 16.62 -6.02 -26.01
CA PRO A 53 15.83 -4.93 -26.57
C PRO A 53 16.66 -3.99 -27.46
N MET A 54 16.05 -3.41 -28.48
CA MET A 54 16.77 -2.51 -29.42
C MET A 54 15.73 -1.57 -30.00
N ASP A 55 16.10 -0.32 -30.23
CA ASP A 55 15.15 0.74 -30.65
C ASP A 55 15.94 1.79 -31.42
N LEU A 56 15.26 2.66 -32.13
CA LEU A 56 15.96 3.60 -33.05
C LEU A 56 16.96 4.46 -32.26
N SER A 57 16.64 4.84 -31.01
CA SER A 57 17.41 5.85 -30.24
C SER A 57 18.75 5.26 -29.84
N THR A 58 18.79 3.99 -29.45
CA THR A 58 20.06 3.28 -29.16
C THR A 58 20.92 3.15 -30.42
N ILE A 59 20.31 2.87 -31.56
CA ILE A 59 21.06 2.66 -32.82
C ILE A 59 21.65 4.02 -33.23
N LYS A 60 20.87 5.08 -33.12
CA LYS A 60 21.32 6.45 -33.47
C LYS A 60 22.48 6.81 -32.54
N ARG A 61 22.36 6.54 -31.26
CA ARG A 61 23.42 6.89 -30.28
C ARG A 61 24.74 6.20 -30.68
N LYS A 62 24.68 4.91 -31.01
CA LYS A 62 25.89 4.13 -31.34
C LYS A 62 26.52 4.72 -32.61
N LEU A 63 25.73 5.04 -33.62
CA LEU A 63 26.22 5.61 -34.90
C LEU A 63 26.85 7.00 -34.63
N ASP A 64 26.27 7.80 -33.72
CA ASP A 64 26.71 9.19 -33.45
C ASP A 64 28.03 9.18 -32.65
N THR A 65 28.23 8.18 -31.82
CA THR A 65 29.41 8.05 -30.92
C THR A 65 30.43 7.08 -31.53
N GLY A 66 30.10 6.48 -32.68
CA GLY A 66 30.95 5.51 -33.41
C GLY A 66 31.15 4.20 -32.67
N GLN A 67 30.17 3.73 -31.92
CA GLN A 67 30.29 2.42 -31.22
C GLN A 67 30.22 1.27 -32.25
N TYR A 68 29.86 1.52 -33.52
CA TYR A 68 29.94 0.52 -34.61
C TYR A 68 31.30 0.60 -35.30
N GLN A 69 32.10 -0.47 -35.23
CA GLN A 69 33.40 -0.62 -35.93
C GLN A 69 33.11 -0.98 -37.40
N GLU A 70 32.15 -1.87 -37.62
CA GLU A 70 31.84 -2.42 -38.97
C GLU A 70 30.37 -2.16 -39.27
N PRO A 71 30.01 -1.90 -40.54
CA PRO A 71 28.62 -1.66 -40.90
C PRO A 71 27.68 -2.86 -40.70
N TRP A 72 28.19 -4.09 -40.69
CA TRP A 72 27.32 -5.25 -40.36
C TRP A 72 26.71 -5.04 -38.96
N GLN A 73 27.45 -4.38 -38.07
CA GLN A 73 27.11 -4.25 -36.62
C GLN A 73 25.86 -3.37 -36.48
N TYR A 74 25.80 -2.28 -37.24
CA TYR A 74 24.61 -1.39 -37.38
C TYR A 74 23.44 -2.17 -38.01
N VAL A 75 23.72 -3.10 -38.91
CA VAL A 75 22.70 -3.90 -39.63
C VAL A 75 22.16 -4.97 -38.67
N ASP A 76 23.02 -5.67 -37.93
CA ASP A 76 22.55 -6.60 -36.88
C ASP A 76 21.50 -5.90 -36.02
N ASP A 77 21.83 -4.70 -35.50
CA ASP A 77 21.03 -3.94 -34.49
C ASP A 77 19.66 -3.60 -35.09
N VAL A 78 19.59 -3.17 -36.36
CA VAL A 78 18.28 -2.85 -36.99
C VAL A 78 17.43 -4.14 -37.04
N TRP A 79 18.01 -5.25 -37.50
CA TRP A 79 17.30 -6.56 -37.61
C TRP A 79 16.95 -7.07 -36.21
N LEU A 80 17.80 -6.83 -35.22
CA LEU A 80 17.50 -7.19 -33.83
C LEU A 80 16.20 -6.48 -33.43
N MET A 81 16.06 -5.22 -33.84
CA MET A 81 14.88 -4.38 -33.47
C MET A 81 13.63 -4.99 -34.10
N PHE A 82 13.71 -5.33 -35.38
CA PHE A 82 12.58 -5.91 -36.16
C PHE A 82 12.25 -7.34 -35.66
N ASN A 83 13.27 -8.20 -35.51
CA ASN A 83 13.12 -9.59 -35.00
C ASN A 83 12.47 -9.58 -33.61
N ASN A 84 12.83 -8.63 -32.76
CA ASN A 84 12.21 -8.44 -31.41
C ASN A 84 10.71 -8.22 -31.58
N ALA A 85 10.33 -7.32 -32.48
CA ALA A 85 8.93 -6.86 -32.65
C ALA A 85 8.09 -7.98 -33.28
N TRP A 86 8.72 -8.81 -34.12
CA TRP A 86 8.07 -9.93 -34.84
C TRP A 86 7.96 -11.11 -33.87
N LEU A 87 9.00 -11.32 -33.06
CA LEU A 87 8.98 -12.34 -31.99
C LEU A 87 7.81 -12.04 -31.03
N TYR A 88 7.64 -10.81 -30.53
CA TYR A 88 6.75 -10.47 -29.36
C TYR A 88 5.27 -10.32 -29.78
N ASN A 89 5.02 -9.74 -30.94
CA ASN A 89 3.67 -9.30 -31.37
C ASN A 89 3.06 -10.36 -32.30
N ARG A 90 1.72 -10.44 -32.32
CA ARG A 90 0.95 -11.29 -33.26
C ARG A 90 0.99 -10.67 -34.67
N LYS A 91 0.93 -11.49 -35.72
CA LYS A 91 1.00 -11.12 -37.16
C LYS A 91 -0.04 -10.05 -37.50
N THR A 92 -1.07 -9.93 -36.68
CA THR A 92 -2.26 -9.06 -36.90
C THR A 92 -2.23 -7.86 -35.94
N SER A 93 -1.25 -7.78 -35.02
CA SER A 93 -1.07 -6.60 -34.12
C SER A 93 -0.58 -5.40 -34.94
N ARG A 94 -0.95 -4.18 -34.56
CA ARG A 94 -0.57 -2.92 -35.27
C ARG A 94 0.96 -2.71 -35.22
N VAL A 95 1.64 -3.11 -34.14
CA VAL A 95 3.13 -2.99 -34.05
C VAL A 95 3.78 -3.95 -35.07
N TYR A 96 3.20 -5.15 -35.28
CA TYR A 96 3.67 -6.18 -36.23
C TYR A 96 3.74 -5.59 -37.65
N LYS A 97 2.62 -5.05 -38.12
CA LYS A 97 2.45 -4.36 -39.43
C LYS A 97 3.47 -3.22 -39.57
N PHE A 98 3.53 -2.34 -38.58
CA PHE A 98 4.56 -1.26 -38.49
C PHE A 98 5.96 -1.88 -38.67
N CYS A 99 6.32 -2.91 -37.92
CA CYS A 99 7.70 -3.45 -37.97
C CYS A 99 7.94 -3.93 -39.38
N SER A 100 6.88 -4.51 -39.97
CA SER A 100 6.85 -5.08 -41.33
C SER A 100 7.16 -3.95 -42.32
N LYS A 101 6.54 -2.79 -42.19
CA LYS A 101 6.84 -1.65 -43.12
C LYS A 101 8.28 -1.17 -42.96
N LEU A 102 8.68 -0.79 -41.75
CA LEU A 102 10.06 -0.28 -41.54
C LEU A 102 11.03 -1.29 -42.16
N ALA A 103 10.81 -2.59 -41.96
CA ALA A 103 11.65 -3.70 -42.51
C ALA A 103 11.69 -3.61 -44.03
N GLU A 104 10.53 -3.28 -44.59
CA GLU A 104 10.26 -3.12 -46.04
C GLU A 104 11.12 -1.97 -46.52
N VAL A 105 10.97 -0.82 -45.89
CA VAL A 105 11.74 0.39 -46.29
C VAL A 105 13.23 0.17 -46.09
N PHE A 106 13.63 -0.48 -45.00
CA PHE A 106 15.06 -0.66 -44.71
C PHE A 106 15.75 -1.47 -45.80
N GLU A 107 15.10 -2.48 -46.36
CA GLU A 107 15.72 -3.28 -47.44
C GLU A 107 16.00 -2.41 -48.66
N GLN A 108 15.04 -1.55 -49.03
CA GLN A 108 15.18 -0.68 -50.22
C GLN A 108 16.37 0.26 -50.06
N GLU A 109 16.62 0.77 -48.86
CA GLU A 109 17.74 1.72 -48.66
C GLU A 109 19.06 1.03 -48.34
N ILE A 110 19.06 -0.04 -47.55
CA ILE A 110 20.35 -0.63 -47.13
C ILE A 110 21.16 -1.27 -48.26
N ASP A 111 20.52 -1.96 -49.21
CA ASP A 111 21.31 -2.76 -50.18
C ASP A 111 22.26 -1.94 -51.01
N PRO A 112 21.87 -0.79 -51.57
CA PRO A 112 22.81 -0.02 -52.37
C PRO A 112 24.00 0.44 -51.53
N VAL A 113 23.71 0.89 -50.31
CA VAL A 113 24.71 1.48 -49.39
C VAL A 113 25.78 0.47 -48.99
N MET A 114 25.39 -0.76 -48.70
CA MET A 114 26.37 -1.77 -48.26
C MET A 114 27.37 -2.09 -49.36
N GLN A 115 26.94 -2.10 -50.62
CA GLN A 115 27.85 -2.34 -51.77
C GLN A 115 28.85 -1.18 -51.85
N SER A 116 28.41 0.04 -51.55
CA SER A 116 29.26 1.26 -51.58
C SER A 116 30.43 1.14 -50.60
N LEU A 117 30.25 0.47 -49.48
CA LEU A 117 31.39 0.22 -48.56
C LEU A 117 31.95 -1.15 -48.95
N ILE B 5 9.06 -15.73 -7.41
CA ILE B 5 9.57 -14.93 -8.58
C ILE B 5 9.45 -13.43 -8.29
N PHE B 6 10.37 -12.61 -8.82
CA PHE B 6 10.54 -11.16 -8.49
C PHE B 6 9.56 -10.28 -9.27
N LYS B 7 9.18 -9.15 -8.68
CA LYS B 7 8.51 -8.02 -9.37
C LYS B 7 9.54 -6.91 -9.57
N PRO B 8 9.56 -6.24 -10.74
CA PRO B 8 10.47 -5.10 -10.97
C PRO B 8 10.64 -4.04 -9.87
N GLU B 9 9.55 -3.60 -9.23
CA GLU B 9 9.59 -2.59 -8.13
C GLU B 9 10.14 -3.21 -6.84
N GLU B 10 10.17 -4.54 -6.70
CA GLU B 10 10.89 -5.28 -5.62
C GLU B 10 12.40 -5.05 -5.80
N LEU B 11 12.91 -5.35 -7.00
CA LEU B 11 14.33 -5.13 -7.37
C LEU B 11 14.63 -3.63 -7.24
N ARG B 12 13.76 -2.77 -7.77
CA ARG B 12 13.96 -1.30 -7.74
C ARG B 12 14.00 -0.83 -6.28
N GLN B 13 13.05 -1.26 -5.44
CA GLN B 13 13.04 -0.81 -4.01
C GLN B 13 14.29 -1.33 -3.29
N ALA B 14 14.76 -2.55 -3.56
CA ALA B 14 15.89 -3.13 -2.79
C ALA B 14 17.21 -2.54 -3.29
N LEU B 15 17.32 -2.33 -4.62
CA LEU B 15 18.63 -2.21 -5.32
C LEU B 15 19.01 -0.74 -5.51
N MET B 16 18.04 0.11 -5.86
CA MET B 16 18.27 1.55 -6.21
C MET B 16 19.10 2.25 -5.14
N PRO B 17 18.87 2.05 -3.81
CA PRO B 17 19.66 2.76 -2.80
C PRO B 17 21.17 2.48 -2.91
N THR B 18 21.57 1.31 -3.46
CA THR B 18 23.00 0.99 -3.73
C THR B 18 23.52 1.84 -4.87
N LEU B 19 22.75 1.95 -5.95
CA LEU B 19 23.07 2.79 -7.13
C LEU B 19 23.17 4.26 -6.69
N GLU B 20 22.20 4.73 -5.92
CA GLU B 20 22.13 6.11 -5.39
C GLU B 20 23.42 6.38 -4.59
N ALA B 21 23.91 5.39 -3.86
CA ALA B 21 25.15 5.55 -3.08
C ALA B 21 26.31 5.90 -4.03
N LEU B 22 26.30 5.41 -5.27
CA LEU B 22 27.38 5.73 -6.25
C LEU B 22 27.16 7.16 -6.72
N TYR B 23 25.92 7.54 -7.03
CA TYR B 23 25.53 8.89 -7.52
C TYR B 23 25.99 9.93 -6.49
N ARG B 24 25.77 9.64 -5.20
CA ARG B 24 26.02 10.53 -4.04
C ARG B 24 27.50 10.92 -4.00
N GLN B 25 28.40 10.09 -4.52
CA GLN B 25 29.85 10.41 -4.58
C GLN B 25 30.09 11.47 -5.66
N ASP B 26 30.50 12.66 -5.23
CA ASP B 26 30.78 13.85 -6.08
C ASP B 26 32.13 14.39 -5.65
N PRO B 27 33.16 14.55 -6.52
CA PRO B 27 33.04 14.41 -7.99
C PRO B 27 33.20 13.04 -8.65
N GLU B 28 33.30 11.94 -7.90
CA GLU B 28 33.80 10.63 -8.38
C GLU B 28 32.82 10.04 -9.40
N SER B 29 31.52 10.11 -9.13
CA SER B 29 30.44 9.55 -9.98
C SER B 29 30.21 10.34 -11.27
N LEU B 30 30.60 11.62 -11.32
CA LEU B 30 30.24 12.55 -12.42
C LEU B 30 30.57 11.94 -13.78
N PRO B 31 31.78 11.43 -14.02
CA PRO B 31 32.11 10.84 -15.33
C PRO B 31 31.37 9.53 -15.66
N PHE B 32 30.66 8.91 -14.69
CA PHE B 32 30.00 7.59 -14.85
C PHE B 32 28.51 7.78 -15.05
N ARG B 33 28.04 9.03 -15.13
CA ARG B 33 26.60 9.34 -15.07
C ARG B 33 25.94 9.24 -16.45
N GLN B 34 26.72 9.16 -17.51
CA GLN B 34 26.22 9.13 -18.91
C GLN B 34 27.19 8.26 -19.68
N PRO B 35 26.78 7.65 -20.81
CA PRO B 35 27.68 6.78 -21.56
C PRO B 35 28.89 7.59 -21.95
N VAL B 36 30.09 7.01 -22.01
CA VAL B 36 31.31 7.68 -22.57
C VAL B 36 31.04 8.04 -24.03
N ASP B 37 31.44 9.23 -24.50
CA ASP B 37 31.52 9.56 -25.95
C ASP B 37 32.98 9.79 -26.33
N PRO B 38 33.70 8.76 -26.82
CA PRO B 38 35.14 8.86 -27.02
C PRO B 38 35.56 9.81 -28.14
N GLN B 39 34.67 10.07 -29.10
CA GLN B 39 34.95 11.00 -30.24
C GLN B 39 35.09 12.42 -29.66
N LEU B 40 34.09 12.82 -28.88
CA LEU B 40 34.09 14.12 -28.16
C LEU B 40 35.33 14.23 -27.27
N LEU B 41 35.62 13.20 -26.48
CA LEU B 41 36.77 13.17 -25.54
C LEU B 41 38.10 13.06 -26.30
N GLY B 42 38.07 12.85 -27.61
CA GLY B 42 39.32 12.72 -28.38
C GLY B 42 40.12 11.54 -27.87
N ILE B 43 39.48 10.39 -27.65
CA ILE B 43 40.12 9.09 -27.30
C ILE B 43 39.49 8.00 -28.16
N PRO B 44 39.81 7.92 -29.48
CA PRO B 44 39.02 7.12 -30.41
C PRO B 44 39.24 5.61 -30.30
N ASP B 45 40.28 5.16 -29.59
CA ASP B 45 40.58 3.73 -29.31
C ASP B 45 39.62 3.13 -28.24
N TYR B 46 38.76 3.91 -27.59
CA TYR B 46 37.97 3.47 -26.42
C TYR B 46 37.15 2.20 -26.78
N PHE B 47 36.45 2.21 -27.91
CA PHE B 47 35.53 1.13 -28.32
C PHE B 47 36.31 -0.08 -28.84
N ASP B 48 37.61 0.07 -29.14
CA ASP B 48 38.51 -1.06 -29.51
C ASP B 48 38.79 -1.83 -28.21
N ILE B 49 39.12 -1.13 -27.13
CA ILE B 49 39.56 -1.75 -25.84
C ILE B 49 38.35 -2.17 -25.00
N VAL B 50 37.27 -1.36 -24.97
CA VAL B 50 36.06 -1.61 -24.11
C VAL B 50 34.94 -2.16 -24.97
N LYS B 51 34.62 -3.45 -24.82
CA LYS B 51 33.70 -4.19 -25.72
C LYS B 51 32.26 -3.95 -25.29
N ASN B 52 32.02 -3.84 -23.98
CA ASN B 52 30.65 -3.71 -23.43
C ASN B 52 30.61 -2.51 -22.52
N PRO B 53 30.46 -1.32 -23.12
CA PRO B 53 30.40 -0.07 -22.36
C PRO B 53 29.24 -0.11 -21.39
N MET B 54 29.44 0.39 -20.18
CA MET B 54 28.34 0.49 -19.17
C MET B 54 28.56 1.74 -18.30
N ASP B 55 27.46 2.29 -17.78
CA ASP B 55 27.43 3.57 -17.02
C ASP B 55 26.18 3.55 -16.14
N LEU B 56 26.10 4.47 -15.19
CA LEU B 56 25.00 4.51 -14.21
C LEU B 56 23.67 4.73 -14.92
N SER B 57 23.59 5.54 -15.98
CA SER B 57 22.27 5.91 -16.58
C SER B 57 21.69 4.69 -17.28
N THR B 58 22.52 3.81 -17.86
CA THR B 58 22.02 2.53 -18.42
C THR B 58 21.52 1.63 -17.28
N ILE B 59 22.25 1.54 -16.18
CA ILE B 59 21.82 0.68 -15.05
C ILE B 59 20.51 1.25 -14.49
N LYS B 60 20.50 2.56 -14.21
CA LYS B 60 19.29 3.25 -13.67
C LYS B 60 18.08 2.95 -14.57
N ARG B 61 18.21 3.07 -15.90
CA ARG B 61 17.06 2.86 -16.83
C ARG B 61 16.64 1.39 -16.76
N LYS B 62 17.58 0.44 -16.65
CA LYS B 62 17.22 -1.01 -16.62
C LYS B 62 16.49 -1.26 -15.30
N LEU B 63 17.00 -0.74 -14.19
CA LEU B 63 16.37 -0.92 -12.86
C LEU B 63 14.96 -0.31 -12.89
N ASP B 64 14.78 0.83 -13.56
CA ASP B 64 13.49 1.58 -13.58
C ASP B 64 12.45 0.79 -14.40
N THR B 65 12.85 0.12 -15.48
CA THR B 65 11.90 -0.53 -16.43
C THR B 65 11.77 -2.03 -16.14
N GLY B 66 12.57 -2.59 -15.24
CA GLY B 66 12.52 -4.01 -14.86
C GLY B 66 13.11 -4.93 -15.93
N GLN B 67 14.20 -4.49 -16.56
CA GLN B 67 14.96 -5.25 -17.57
C GLN B 67 15.90 -6.23 -16.82
N TYR B 68 16.11 -6.01 -15.51
CA TYR B 68 16.78 -6.97 -14.59
C TYR B 68 15.73 -7.87 -13.96
N GLN B 69 15.73 -9.15 -14.35
CA GLN B 69 14.86 -10.25 -13.81
C GLN B 69 15.44 -10.80 -12.51
N GLU B 70 16.76 -10.79 -12.35
CA GLU B 70 17.47 -11.26 -11.15
C GLU B 70 18.56 -10.27 -10.77
N PRO B 71 18.78 -10.06 -9.45
CA PRO B 71 19.67 -9.00 -9.00
C PRO B 71 21.14 -9.21 -9.35
N TRP B 72 21.58 -10.44 -9.68
CA TRP B 72 22.98 -10.69 -10.14
C TRP B 72 23.24 -9.88 -11.42
N GLN B 73 22.26 -9.77 -12.32
CA GLN B 73 22.40 -8.97 -13.57
C GLN B 73 22.78 -7.52 -13.22
N TYR B 74 22.16 -6.95 -12.18
CA TYR B 74 22.46 -5.57 -11.69
C TYR B 74 23.91 -5.52 -11.22
N VAL B 75 24.27 -6.46 -10.35
CA VAL B 75 25.63 -6.52 -9.74
C VAL B 75 26.67 -6.66 -10.88
N ASP B 76 26.37 -7.43 -11.92
CA ASP B 76 27.30 -7.69 -13.06
C ASP B 76 27.44 -6.37 -13.85
N ASP B 77 26.34 -5.67 -14.08
CA ASP B 77 26.39 -4.39 -14.82
C ASP B 77 27.20 -3.37 -14.03
N VAL B 78 27.03 -3.31 -12.71
CA VAL B 78 27.81 -2.33 -11.91
C VAL B 78 29.28 -2.66 -12.09
N TRP B 79 29.63 -3.96 -12.03
CA TRP B 79 31.05 -4.41 -12.03
C TRP B 79 31.62 -4.28 -13.45
N LEU B 80 30.80 -4.52 -14.47
CA LEU B 80 31.21 -4.28 -15.88
C LEU B 80 31.69 -2.81 -15.99
N MET B 81 30.96 -1.87 -15.35
CA MET B 81 31.23 -0.41 -15.36
C MET B 81 32.61 -0.12 -14.74
N PHE B 82 32.79 -0.58 -13.51
CA PHE B 82 34.07 -0.49 -12.77
C PHE B 82 35.21 -1.08 -13.58
N ASN B 83 35.08 -2.33 -14.06
CA ASN B 83 36.16 -3.10 -14.75
C ASN B 83 36.53 -2.42 -16.08
N ASN B 84 35.56 -1.80 -16.73
CA ASN B 84 35.78 -1.01 -17.97
C ASN B 84 36.76 0.13 -17.67
N ALA B 85 36.46 0.92 -16.64
CA ALA B 85 37.26 2.09 -16.24
C ALA B 85 38.65 1.60 -15.77
N TRP B 86 38.74 0.43 -15.13
CA TRP B 86 40.03 -0.14 -14.66
C TRP B 86 40.84 -0.72 -15.84
N LEU B 87 40.20 -1.25 -16.87
CA LEU B 87 40.90 -1.78 -18.07
C LEU B 87 41.52 -0.62 -18.84
N TYR B 88 40.72 0.38 -19.21
CA TYR B 88 41.09 1.41 -20.22
C TYR B 88 42.07 2.42 -19.63
N ASN B 89 41.97 2.74 -18.34
CA ASN B 89 42.67 3.91 -17.73
C ASN B 89 43.88 3.44 -16.93
N ARG B 90 44.88 4.31 -16.92
CA ARG B 90 46.15 4.15 -16.19
C ARG B 90 45.82 4.26 -14.71
N LYS B 91 46.58 3.59 -13.86
CA LYS B 91 46.32 3.58 -12.41
C LYS B 91 46.45 4.99 -11.82
N THR B 92 47.36 5.81 -12.36
CA THR B 92 47.59 7.21 -11.95
C THR B 92 46.47 8.12 -12.45
N SER B 93 45.68 7.70 -13.43
CA SER B 93 44.63 8.58 -13.97
C SER B 93 43.50 8.83 -12.98
N ARG B 94 42.86 9.98 -13.12
CA ARG B 94 41.76 10.44 -12.25
C ARG B 94 40.55 9.50 -12.37
N VAL B 95 40.28 9.00 -13.56
CA VAL B 95 39.12 8.10 -13.82
C VAL B 95 39.23 6.82 -12.99
N TYR B 96 40.38 6.16 -13.04
CA TYR B 96 40.73 4.94 -12.24
C TYR B 96 40.43 5.19 -10.75
N LYS B 97 40.92 6.30 -10.22
CA LYS B 97 40.82 6.66 -8.78
C LYS B 97 39.33 6.87 -8.44
N PHE B 98 38.62 7.65 -9.27
CA PHE B 98 37.15 7.87 -9.12
C PHE B 98 36.51 6.49 -9.16
N CYS B 99 36.94 5.65 -10.10
CA CYS B 99 36.39 4.29 -10.29
C CYS B 99 36.60 3.47 -9.01
N SER B 100 37.81 3.52 -8.44
CA SER B 100 38.18 2.79 -7.20
C SER B 100 37.32 3.26 -6.03
N LYS B 101 37.04 4.55 -5.91
CA LYS B 101 36.19 5.07 -4.79
C LYS B 101 34.75 4.51 -4.92
N LEU B 102 34.23 4.37 -6.14
CA LEU B 102 32.83 3.91 -6.37
C LEU B 102 32.74 2.45 -5.92
N ALA B 103 33.68 1.62 -6.39
CA ALA B 103 33.78 0.17 -6.06
C ALA B 103 33.79 0.00 -4.54
N GLU B 104 34.71 0.70 -3.89
CA GLU B 104 34.83 0.81 -2.40
C GLU B 104 33.44 0.94 -1.78
N VAL B 105 32.64 1.90 -2.27
CA VAL B 105 31.31 2.31 -1.69
C VAL B 105 30.28 1.24 -2.04
N PHE B 106 30.37 0.67 -3.24
CA PHE B 106 29.50 -0.46 -3.67
C PHE B 106 29.65 -1.65 -2.70
N GLU B 107 30.87 -2.13 -2.45
CA GLU B 107 31.15 -3.32 -1.58
C GLU B 107 30.46 -3.16 -0.23
N GLN B 108 30.60 -1.97 0.37
CA GLN B 108 30.05 -1.64 1.71
C GLN B 108 28.54 -1.90 1.65
N GLU B 109 27.89 -1.41 0.58
CA GLU B 109 26.43 -1.24 0.47
C GLU B 109 25.76 -2.55 0.09
N ILE B 110 26.38 -3.33 -0.82
CA ILE B 110 25.69 -4.37 -1.64
C ILE B 110 25.56 -5.73 -0.94
N ASP B 111 26.55 -6.18 -0.16
CA ASP B 111 26.60 -7.58 0.35
C ASP B 111 25.36 -7.86 1.20
N PRO B 112 25.00 -7.03 2.21
CA PRO B 112 23.72 -7.16 2.91
C PRO B 112 22.46 -7.14 2.02
N VAL B 113 22.34 -6.20 1.09
CA VAL B 113 21.12 -6.08 0.25
C VAL B 113 20.92 -7.37 -0.55
N MET B 114 22.00 -8.04 -0.96
CA MET B 114 21.95 -9.32 -1.71
C MET B 114 21.51 -10.47 -0.79
N GLN B 115 21.88 -10.42 0.49
CA GLN B 115 21.31 -11.32 1.54
C GLN B 115 19.77 -11.21 1.54
N SER B 116 19.27 -9.97 1.69
CA SER B 116 17.82 -9.63 1.87
C SER B 116 16.98 -10.26 0.76
N LEU B 117 17.55 -10.53 -0.42
CA LEU B 117 16.86 -11.23 -1.53
C LEU B 117 17.33 -12.68 -1.55
N PHE C 6 0.51 23.96 -39.61
CA PHE C 6 1.76 23.15 -39.60
C PHE C 6 1.54 21.79 -38.93
N LYS C 7 1.93 20.73 -39.62
CA LYS C 7 1.83 19.35 -39.11
C LYS C 7 3.22 18.90 -38.67
N PRO C 8 3.32 18.15 -37.55
CA PRO C 8 4.61 17.71 -37.06
C PRO C 8 5.42 16.97 -38.13
N GLU C 9 4.82 16.11 -38.94
CA GLU C 9 5.64 15.48 -40.00
C GLU C 9 6.13 16.53 -41.00
N GLU C 10 5.32 17.54 -41.31
CA GLU C 10 5.77 18.53 -42.31
C GLU C 10 7.01 19.25 -41.79
N LEU C 11 6.93 19.68 -40.54
CA LEU C 11 8.06 20.42 -39.95
C LEU C 11 9.28 19.51 -39.88
N ARG C 12 9.11 18.27 -39.46
CA ARG C 12 10.28 17.36 -39.35
C ARG C 12 10.86 17.10 -40.72
N GLN C 13 10.01 16.98 -41.73
CA GLN C 13 10.50 16.63 -43.09
C GLN C 13 11.32 17.81 -43.58
N ALA C 14 10.76 19.01 -43.49
CA ALA C 14 11.36 20.24 -44.04
C ALA C 14 12.65 20.59 -43.28
N LEU C 15 12.59 20.57 -41.95
CA LEU C 15 13.59 21.23 -41.05
C LEU C 15 14.70 20.26 -40.65
N MET C 16 14.44 18.95 -40.55
CA MET C 16 15.37 17.96 -39.92
C MET C 16 16.69 17.94 -40.70
N PRO C 17 16.70 18.12 -42.04
CA PRO C 17 17.96 18.19 -42.79
C PRO C 17 18.87 19.39 -42.43
N THR C 18 18.30 20.52 -42.01
CA THR C 18 19.09 21.68 -41.50
C THR C 18 19.81 21.26 -40.20
N LEU C 19 19.10 20.63 -39.27
CA LEU C 19 19.69 20.04 -38.03
C LEU C 19 20.77 19.03 -38.43
N GLU C 20 20.53 18.23 -39.47
CA GLU C 20 21.40 17.11 -39.90
C GLU C 20 22.68 17.68 -40.51
N ALA C 21 22.57 18.81 -41.20
CA ALA C 21 23.75 19.58 -41.67
C ALA C 21 24.71 19.87 -40.50
N LEU C 22 24.21 20.15 -39.30
CA LEU C 22 25.05 20.46 -38.11
C LEU C 22 25.71 19.16 -37.56
N TYR C 23 24.91 18.14 -37.23
CA TYR C 23 25.36 16.80 -36.77
C TYR C 23 26.50 16.32 -37.67
N ARG C 24 26.42 16.67 -38.96
CA ARG C 24 27.36 16.22 -40.01
C ARG C 24 28.71 16.92 -39.86
N GLN C 25 28.81 18.06 -39.16
CA GLN C 25 30.13 18.73 -38.94
C GLN C 25 30.88 17.99 -37.82
N ASP C 26 31.96 17.30 -38.17
CA ASP C 26 32.89 16.62 -37.22
C ASP C 26 34.26 17.28 -37.34
N PRO C 27 34.90 17.75 -36.24
CA PRO C 27 34.40 17.59 -34.87
C PRO C 27 33.52 18.71 -34.25
N GLU C 28 33.05 19.65 -35.04
CA GLU C 28 32.55 20.95 -34.51
C GLU C 28 31.24 20.74 -33.74
N SER C 29 30.43 19.76 -34.17
CA SER C 29 29.11 19.44 -33.55
C SER C 29 29.22 18.60 -32.27
N LEU C 30 30.35 17.93 -31.99
CA LEU C 30 30.41 16.91 -30.92
C LEU C 30 30.02 17.50 -29.57
N PRO C 31 30.52 18.69 -29.17
CA PRO C 31 30.17 19.26 -27.86
C PRO C 31 28.70 19.70 -27.75
N PHE C 32 28.04 19.80 -28.90
CA PHE C 32 26.67 20.38 -29.04
C PHE C 32 25.64 19.24 -29.12
N ARG C 33 26.09 17.98 -29.13
CA ARG C 33 25.20 16.81 -29.39
C ARG C 33 24.37 16.44 -28.16
N GLN C 34 24.86 16.70 -26.96
CA GLN C 34 24.15 16.37 -25.70
C GLN C 34 24.19 17.61 -24.80
N PRO C 35 23.30 17.73 -23.80
CA PRO C 35 23.39 18.80 -22.83
C PRO C 35 24.75 18.83 -22.13
N VAL C 36 25.32 20.05 -22.00
CA VAL C 36 26.50 20.39 -21.15
C VAL C 36 26.29 19.88 -19.71
N ASP C 37 27.26 19.17 -19.12
CA ASP C 37 27.35 18.97 -17.64
C ASP C 37 28.51 19.80 -17.11
N PRO C 38 28.25 20.99 -16.55
CA PRO C 38 29.30 21.92 -16.11
C PRO C 38 30.14 21.41 -14.94
N GLN C 39 29.50 20.70 -14.01
CA GLN C 39 30.16 20.06 -12.82
C GLN C 39 31.24 19.09 -13.31
N LEU C 40 30.87 18.20 -14.22
CA LEU C 40 31.77 17.22 -14.86
C LEU C 40 32.99 17.93 -15.44
N LEU C 41 32.75 19.06 -16.13
CA LEU C 41 33.78 19.76 -16.92
C LEU C 41 34.55 20.72 -16.02
N GLY C 42 34.10 20.92 -14.78
CA GLY C 42 34.76 21.84 -13.85
C GLY C 42 34.68 23.29 -14.35
N ILE C 43 33.47 23.74 -14.69
CA ILE C 43 33.12 25.16 -15.02
C ILE C 43 31.84 25.53 -14.29
N PRO C 44 31.82 25.58 -12.94
CA PRO C 44 30.57 25.70 -12.21
C PRO C 44 29.80 27.03 -12.41
N ASP C 45 30.41 28.06 -13.03
CA ASP C 45 29.72 29.33 -13.38
C ASP C 45 28.76 29.15 -14.57
N TYR C 46 28.77 28.02 -15.28
CA TYR C 46 28.06 27.89 -16.58
C TYR C 46 26.57 28.30 -16.48
N PHE C 47 25.81 27.80 -15.49
CA PHE C 47 24.35 28.07 -15.36
C PHE C 47 24.05 29.42 -14.68
N ASP C 48 25.07 30.13 -14.21
CA ASP C 48 24.96 31.55 -13.80
C ASP C 48 24.94 32.39 -15.08
N ILE C 49 25.71 32.01 -16.09
CA ILE C 49 25.85 32.82 -17.32
C ILE C 49 24.82 32.39 -18.37
N VAL C 50 24.61 31.08 -18.53
CA VAL C 50 23.66 30.53 -19.53
C VAL C 50 22.39 30.15 -18.79
N LYS C 51 21.36 31.02 -18.87
CA LYS C 51 20.09 30.86 -18.11
C LYS C 51 19.16 29.88 -18.84
N ASN C 52 19.36 29.65 -20.16
CA ASN C 52 18.48 28.81 -21.02
C ASN C 52 19.32 27.88 -21.89
N PRO C 53 19.78 26.75 -21.31
CA PRO C 53 20.68 25.84 -22.02
C PRO C 53 19.98 25.25 -23.25
N MET C 54 20.71 24.95 -24.31
CA MET C 54 20.10 24.32 -25.50
C MET C 54 21.19 23.57 -26.28
N ASP C 55 20.82 22.42 -26.85
CA ASP C 55 21.72 21.50 -27.58
C ASP C 55 20.94 20.77 -28.68
N LEU C 56 21.66 20.28 -29.67
CA LEU C 56 21.14 19.47 -30.79
C LEU C 56 20.15 18.39 -30.30
N SER C 57 20.50 17.54 -29.34
CA SER C 57 19.58 16.47 -28.85
C SER C 57 18.21 17.05 -28.49
N THR C 58 18.19 18.15 -27.74
CA THR C 58 16.94 18.79 -27.25
C THR C 58 16.15 19.25 -28.48
N ILE C 59 16.83 19.83 -29.45
CA ILE C 59 16.17 20.35 -30.69
C ILE C 59 15.61 19.14 -31.43
N LYS C 60 16.28 18.00 -31.42
CA LYS C 60 15.83 16.81 -32.18
C LYS C 60 14.55 16.28 -31.54
N ARG C 61 14.57 16.08 -30.22
CA ARG C 61 13.38 15.58 -29.50
C ARG C 61 12.19 16.47 -29.86
N LYS C 62 12.39 17.78 -29.84
CA LYS C 62 11.31 18.75 -30.11
C LYS C 62 10.77 18.52 -31.54
N LEU C 63 11.65 18.30 -32.50
CA LEU C 63 11.27 18.14 -33.93
C LEU C 63 10.56 16.79 -34.15
N ASP C 64 10.97 15.76 -33.40
CA ASP C 64 10.48 14.36 -33.52
C ASP C 64 9.07 14.22 -32.90
N THR C 65 8.72 15.07 -31.93
CA THR C 65 7.52 14.95 -31.07
C THR C 65 6.53 16.10 -31.40
N GLY C 66 6.91 16.95 -32.36
CA GLY C 66 6.16 18.15 -32.82
C GLY C 66 5.95 19.18 -31.72
N GLN C 67 6.97 19.47 -30.91
CA GLN C 67 6.88 20.51 -29.87
C GLN C 67 7.00 21.89 -30.53
N TYR C 68 7.46 21.96 -31.77
CA TYR C 68 7.45 23.21 -32.57
C TYR C 68 6.13 23.31 -33.32
N GLN C 69 5.37 24.38 -33.05
CA GLN C 69 4.11 24.75 -33.73
C GLN C 69 4.46 25.48 -35.05
N GLU C 70 5.39 26.44 -35.02
CA GLU C 70 5.86 27.21 -36.22
C GLU C 70 7.36 26.95 -36.41
N PRO C 71 7.89 27.00 -37.65
CA PRO C 71 9.31 26.74 -37.90
C PRO C 71 10.25 27.76 -37.23
N TRP C 72 9.77 28.98 -37.00
CA TRP C 72 10.55 30.06 -36.34
C TRP C 72 10.97 29.61 -34.93
N GLN C 73 10.19 28.78 -34.25
CA GLN C 73 10.47 28.37 -32.84
C GLN C 73 11.70 27.45 -32.83
N TYR C 74 11.81 26.61 -33.87
CA TYR C 74 12.98 25.72 -34.13
C TYR C 74 14.21 26.60 -34.39
N VAL C 75 14.05 27.65 -35.19
CA VAL C 75 15.18 28.54 -35.54
C VAL C 75 15.68 29.26 -34.29
N ASP C 76 14.77 29.76 -33.44
CA ASP C 76 15.09 30.41 -32.15
C ASP C 76 15.89 29.45 -31.24
N ASP C 77 15.54 28.16 -31.24
CA ASP C 77 16.23 27.13 -30.43
C ASP C 77 17.64 26.90 -30.98
N VAL C 78 17.81 26.76 -32.30
CA VAL C 78 19.18 26.59 -32.86
C VAL C 78 20.01 27.82 -32.44
N TRP C 79 19.48 29.03 -32.70
CA TRP C 79 20.17 30.32 -32.44
C TRP C 79 20.44 30.48 -30.94
N LEU C 80 19.53 30.03 -30.07
CA LEU C 80 19.72 30.05 -28.57
C LEU C 80 21.00 29.25 -28.27
N MET C 81 21.13 28.06 -28.88
CA MET C 81 22.32 27.20 -28.71
C MET C 81 23.57 27.99 -29.11
N PHE C 82 23.58 28.64 -30.28
CA PHE C 82 24.72 29.47 -30.76
C PHE C 82 24.96 30.65 -29.81
N ASN C 83 23.92 31.43 -29.50
CA ASN C 83 24.06 32.64 -28.65
C ASN C 83 24.66 32.22 -27.30
N ASN C 84 24.29 31.04 -26.78
CA ASN C 84 24.73 30.56 -25.44
C ASN C 84 26.26 30.34 -25.46
N ALA C 85 26.78 29.72 -26.52
CA ALA C 85 28.21 29.38 -26.67
C ALA C 85 29.04 30.66 -26.87
N TRP C 86 28.50 31.65 -27.61
CA TRP C 86 29.16 32.95 -27.89
C TRP C 86 29.17 33.84 -26.66
N LEU C 87 28.09 33.82 -25.90
CA LEU C 87 28.04 34.48 -24.57
C LEU C 87 29.12 33.89 -23.65
N TYR C 88 29.16 32.56 -23.47
CA TYR C 88 29.88 31.93 -22.33
C TYR C 88 31.40 31.92 -22.61
N ASN C 89 31.71 31.52 -23.82
CA ASN C 89 33.10 31.19 -24.16
C ASN C 89 33.91 32.38 -24.62
N ARG C 90 35.22 32.23 -24.45
CA ARG C 90 36.20 33.24 -24.89
C ARG C 90 36.16 33.19 -26.43
N LYS C 91 36.48 34.29 -27.08
CA LYS C 91 36.45 34.30 -28.57
C LYS C 91 37.47 33.30 -29.14
N THR C 92 38.59 33.09 -28.47
CA THR C 92 39.72 32.22 -28.87
C THR C 92 39.56 30.78 -28.37
N SER C 93 38.42 30.42 -27.77
CA SER C 93 38.06 29.06 -27.28
C SER C 93 37.85 28.11 -28.45
N ARG C 94 38.05 26.83 -28.24
CA ARG C 94 37.76 25.84 -29.30
C ARG C 94 36.25 25.77 -29.52
N VAL C 95 35.49 25.76 -28.43
CA VAL C 95 34.02 25.63 -28.48
C VAL C 95 33.43 26.79 -29.29
N TYR C 96 33.97 27.99 -29.09
CA TYR C 96 33.50 29.24 -29.73
C TYR C 96 33.64 29.12 -31.24
N LYS C 97 34.83 28.77 -31.72
CA LYS C 97 35.11 28.64 -33.17
C LYS C 97 34.20 27.56 -33.77
N PHE C 98 33.99 26.42 -33.07
CA PHE C 98 33.06 25.33 -33.49
C PHE C 98 31.67 25.95 -33.66
N CYS C 99 31.20 26.68 -32.64
CA CYS C 99 29.91 27.39 -32.65
C CYS C 99 29.78 28.30 -33.87
N SER C 100 30.79 29.10 -34.16
CA SER C 100 30.81 30.02 -35.32
C SER C 100 30.70 29.22 -36.63
N LYS C 101 31.33 28.05 -36.69
CA LYS C 101 31.29 27.16 -37.88
C LYS C 101 29.87 26.58 -38.08
N LEU C 102 29.28 25.99 -37.03
CA LEU C 102 27.91 25.42 -37.13
C LEU C 102 26.97 26.54 -37.59
N ALA C 103 27.24 27.79 -37.20
CA ALA C 103 26.37 28.93 -37.61
C ALA C 103 26.65 29.25 -39.10
N GLU C 104 27.89 29.21 -39.58
CA GLU C 104 28.16 29.38 -41.04
C GLU C 104 27.20 28.46 -41.81
N VAL C 105 27.15 27.18 -41.43
CA VAL C 105 26.45 26.11 -42.18
C VAL C 105 24.93 26.32 -42.08
N PHE C 106 24.42 26.62 -40.88
CA PHE C 106 22.97 26.79 -40.65
C PHE C 106 22.39 27.98 -41.44
N GLU C 107 23.11 29.10 -41.54
CA GLU C 107 22.74 30.29 -42.36
C GLU C 107 22.58 29.89 -43.84
N GLN C 108 23.45 29.01 -44.37
CA GLN C 108 23.46 28.60 -45.80
C GLN C 108 22.33 27.59 -46.09
N GLU C 109 21.85 26.90 -45.07
CA GLU C 109 20.81 25.85 -45.23
C GLU C 109 19.43 26.34 -44.82
N ILE C 110 19.35 27.11 -43.76
CA ILE C 110 18.02 27.54 -43.22
C ILE C 110 17.26 28.51 -44.12
N ASP C 111 17.93 29.43 -44.80
CA ASP C 111 17.18 30.46 -45.57
C ASP C 111 16.32 29.87 -46.67
N PRO C 112 16.81 28.96 -47.52
CA PRO C 112 15.98 28.39 -48.55
C PRO C 112 14.79 27.64 -47.94
N VAL C 113 15.07 26.86 -46.90
CA VAL C 113 14.01 26.01 -46.31
C VAL C 113 12.89 26.88 -45.78
N MET C 114 13.22 27.98 -45.11
CA MET C 114 12.19 28.88 -44.56
C MET C 114 11.44 29.56 -45.70
N GLN C 115 12.11 29.85 -46.81
CA GLN C 115 11.46 30.48 -47.99
C GLN C 115 10.39 29.51 -48.51
N SER C 116 10.70 28.23 -48.55
CA SER C 116 9.79 27.17 -49.04
C SER C 116 8.57 26.92 -48.12
N LEU C 117 8.54 27.43 -46.91
CA LEU C 117 7.31 27.26 -46.11
C LEU C 117 6.48 28.54 -46.23
N ILE D 5 24.04 30.47 -0.16
CA ILE D 5 24.35 29.90 -1.52
C ILE D 5 24.43 28.37 -1.39
N PHE D 6 23.86 27.65 -2.36
CA PHE D 6 23.88 26.17 -2.41
C PHE D 6 24.84 25.72 -3.51
N LYS D 7 25.61 24.70 -3.20
CA LYS D 7 26.41 23.94 -4.19
C LYS D 7 25.46 22.90 -4.79
N PRO D 8 25.64 22.56 -6.08
CA PRO D 8 24.88 21.51 -6.73
C PRO D 8 24.70 20.24 -5.90
N GLU D 9 25.81 19.68 -5.41
CA GLU D 9 25.82 18.46 -4.54
C GLU D 9 24.95 18.65 -3.28
N GLU D 10 24.82 19.87 -2.72
CA GLU D 10 23.96 20.12 -1.51
C GLU D 10 22.47 20.06 -1.91
N LEU D 11 22.10 20.64 -3.06
CA LEU D 11 20.70 20.62 -3.52
C LEU D 11 20.32 19.21 -3.90
N ARG D 12 21.26 18.44 -4.45
CA ARG D 12 21.03 17.01 -4.78
C ARG D 12 20.75 16.25 -3.50
N GLN D 13 21.68 16.29 -2.54
CA GLN D 13 21.62 15.47 -1.30
C GLN D 13 20.32 15.78 -0.55
N ALA D 14 19.87 17.04 -0.54
CA ALA D 14 18.66 17.50 0.20
C ALA D 14 17.38 17.08 -0.55
N LEU D 15 17.31 17.37 -1.87
CA LEU D 15 16.07 17.32 -2.71
C LEU D 15 15.86 15.98 -3.43
N MET D 16 16.92 15.26 -3.82
CA MET D 16 16.76 14.01 -4.61
C MET D 16 15.92 12.97 -3.85
N PRO D 17 15.91 12.87 -2.50
CA PRO D 17 15.01 11.90 -1.88
C PRO D 17 13.52 12.28 -2.07
N THR D 18 13.24 13.58 -2.25
CA THR D 18 11.87 14.10 -2.56
C THR D 18 11.45 13.68 -3.97
N LEU D 19 12.33 13.74 -4.98
CA LEU D 19 12.05 13.21 -6.35
C LEU D 19 11.95 11.68 -6.31
N GLU D 20 12.84 11.03 -5.56
CA GLU D 20 12.93 9.55 -5.40
C GLU D 20 11.62 9.02 -4.81
N ALA D 21 10.96 9.77 -3.93
CA ALA D 21 9.64 9.39 -3.33
C ALA D 21 8.53 9.38 -4.40
N LEU D 22 8.66 10.19 -5.47
CA LEU D 22 7.70 10.18 -6.61
C LEU D 22 7.97 8.95 -7.50
N TYR D 23 9.23 8.73 -7.86
CA TYR D 23 9.67 7.57 -8.67
C TYR D 23 9.26 6.28 -7.97
N ARG D 24 9.30 6.29 -6.65
CA ARG D 24 8.95 5.14 -5.78
C ARG D 24 7.48 4.77 -5.99
N GLN D 25 6.60 5.73 -6.22
CA GLN D 25 5.19 5.38 -6.42
C GLN D 25 5.07 4.67 -7.77
N ASP D 26 4.63 3.44 -7.70
CA ASP D 26 4.46 2.57 -8.88
C ASP D 26 3.04 2.02 -8.79
N PRO D 27 2.14 2.23 -9.76
CA PRO D 27 2.48 2.63 -11.11
C PRO D 27 2.18 4.09 -11.41
N GLU D 28 1.97 4.89 -10.37
CA GLU D 28 1.57 6.31 -10.52
C GLU D 28 2.62 7.16 -11.25
N SER D 29 3.90 6.94 -11.03
CA SER D 29 4.93 7.80 -11.67
C SER D 29 5.29 7.32 -13.08
N LEU D 30 4.78 6.19 -13.53
CA LEU D 30 5.29 5.61 -14.79
C LEU D 30 5.06 6.56 -15.96
N PRO D 31 3.90 7.20 -16.13
CA PRO D 31 3.68 8.12 -17.22
C PRO D 31 4.53 9.39 -17.17
N PHE D 32 4.94 9.80 -15.97
CA PHE D 32 5.74 11.03 -15.75
C PHE D 32 7.24 10.78 -15.81
N ARG D 33 7.68 9.55 -16.04
CA ARG D 33 9.13 9.19 -16.04
C ARG D 33 9.86 9.68 -17.30
N GLN D 34 9.16 9.99 -18.37
CA GLN D 34 9.80 10.52 -19.60
C GLN D 34 8.91 11.60 -20.17
N PRO D 35 9.39 12.43 -21.13
CA PRO D 35 8.57 13.47 -21.72
C PRO D 35 7.38 12.81 -22.46
N VAL D 36 6.22 13.44 -22.42
CA VAL D 36 5.05 13.03 -23.25
C VAL D 36 5.46 13.09 -24.72
N ASP D 37 5.15 12.05 -25.50
CA ASP D 37 5.21 12.08 -26.98
C ASP D 37 3.78 12.01 -27.50
N PRO D 38 3.15 13.19 -27.72
CA PRO D 38 1.75 13.30 -28.12
C PRO D 38 1.46 12.52 -29.41
N GLN D 39 2.30 12.66 -30.44
CA GLN D 39 2.15 11.89 -31.71
C GLN D 39 2.07 10.38 -31.40
N LEU D 40 3.01 9.84 -30.62
CA LEU D 40 3.03 8.40 -30.28
C LEU D 40 1.72 7.98 -29.61
N LEU D 41 1.17 8.82 -28.72
CA LEU D 41 0.02 8.45 -27.85
C LEU D 41 -1.33 8.66 -28.57
N GLY D 42 -1.30 9.39 -29.67
CA GLY D 42 -2.52 9.72 -30.40
C GLY D 42 -3.22 10.87 -29.72
N ILE D 43 -2.46 11.79 -29.14
CA ILE D 43 -3.09 12.99 -28.53
C ILE D 43 -2.31 14.18 -29.05
N PRO D 44 -2.46 14.55 -30.34
CA PRO D 44 -1.72 15.66 -30.94
C PRO D 44 -2.12 17.07 -30.51
N ASP D 45 -3.12 17.23 -29.66
CA ASP D 45 -3.51 18.56 -29.14
C ASP D 45 -2.75 18.87 -27.84
N TYR D 46 -1.85 17.98 -27.40
CA TYR D 46 -1.14 18.13 -26.11
C TYR D 46 -0.27 19.40 -26.03
N PHE D 47 0.48 19.69 -27.09
CA PHE D 47 1.42 20.84 -27.06
C PHE D 47 0.71 22.19 -27.11
N ASP D 48 -0.54 22.25 -27.56
CA ASP D 48 -1.26 23.53 -27.58
C ASP D 48 -1.74 23.84 -26.17
N ILE D 49 -2.21 22.82 -25.47
CA ILE D 49 -2.75 22.98 -24.08
C ILE D 49 -1.54 23.22 -23.16
N VAL D 50 -0.55 22.31 -23.18
CA VAL D 50 0.67 22.37 -22.31
C VAL D 50 1.78 23.11 -23.07
N LYS D 51 1.99 24.39 -22.73
CA LYS D 51 2.98 25.25 -23.42
C LYS D 51 4.40 24.93 -22.93
N ASN D 52 4.58 24.54 -21.65
CA ASN D 52 5.91 24.23 -21.02
C ASN D 52 5.89 22.84 -20.39
N PRO D 53 6.24 21.79 -21.17
CA PRO D 53 6.23 20.43 -20.67
C PRO D 53 7.32 20.23 -19.61
N MET D 54 7.12 19.25 -18.76
CA MET D 54 8.03 18.92 -17.66
C MET D 54 7.70 17.48 -17.21
N ASP D 55 8.73 16.69 -16.91
CA ASP D 55 8.57 15.29 -16.47
C ASP D 55 9.72 14.97 -15.51
N LEU D 56 9.67 13.82 -14.86
CA LEU D 56 10.69 13.42 -13.84
C LEU D 56 12.10 13.42 -14.45
N SER D 57 12.27 12.91 -15.67
CA SER D 57 13.63 12.77 -16.27
C SER D 57 14.29 14.14 -16.42
N THR D 58 13.53 15.18 -16.75
CA THR D 58 14.09 16.55 -16.95
C THR D 58 14.50 17.11 -15.59
N ILE D 59 13.65 17.00 -14.58
CA ILE D 59 13.96 17.48 -13.20
C ILE D 59 15.17 16.69 -12.71
N LYS D 60 15.17 15.35 -12.85
CA LYS D 60 16.33 14.53 -12.41
C LYS D 60 17.58 15.06 -13.10
N ARG D 61 17.53 15.38 -14.39
CA ARG D 61 18.75 15.79 -15.13
C ARG D 61 19.22 17.12 -14.55
N LYS D 62 18.29 18.04 -14.34
CA LYS D 62 18.63 19.41 -13.87
C LYS D 62 19.28 19.30 -12.48
N LEU D 63 18.74 18.45 -11.63
CA LEU D 63 19.22 18.20 -10.25
C LEU D 63 20.58 17.50 -10.31
N ASP D 64 20.79 16.61 -11.28
CA ASP D 64 22.08 15.86 -11.36
C ASP D 64 23.17 16.85 -11.81
N THR D 65 22.91 17.66 -12.83
CA THR D 65 23.91 18.55 -13.47
C THR D 65 23.95 19.95 -12.80
N GLY D 66 23.22 20.19 -11.71
CA GLY D 66 23.17 21.45 -10.94
C GLY D 66 22.57 22.60 -11.74
N GLN D 67 21.40 22.43 -12.36
CA GLN D 67 20.79 23.50 -13.20
C GLN D 67 19.89 24.40 -12.32
N TYR D 68 19.55 23.93 -11.12
CA TYR D 68 18.80 24.68 -10.07
C TYR D 68 19.74 25.45 -9.12
N GLN D 69 19.76 26.79 -9.17
CA GLN D 69 20.58 27.64 -8.25
C GLN D 69 19.97 27.68 -6.85
N GLU D 70 18.63 27.66 -6.72
CA GLU D 70 17.90 27.77 -5.42
C GLU D 70 16.84 26.67 -5.36
N PRO D 71 16.57 26.10 -4.17
CA PRO D 71 15.62 25.00 -4.06
C PRO D 71 14.25 25.31 -4.68
N TRP D 72 13.79 26.55 -4.51
CA TRP D 72 12.44 26.98 -5.01
C TRP D 72 12.34 26.62 -6.50
N GLN D 73 13.42 26.75 -7.28
CA GLN D 73 13.44 26.45 -8.74
C GLN D 73 13.04 24.98 -8.96
N TYR D 74 13.57 24.08 -8.14
CA TYR D 74 13.27 22.62 -8.20
C TYR D 74 11.76 22.39 -7.98
N VAL D 75 11.21 23.04 -6.94
CA VAL D 75 9.78 22.98 -6.52
C VAL D 75 8.92 23.54 -7.66
N ASP D 76 9.30 24.68 -8.21
CA ASP D 76 8.57 25.23 -9.38
C ASP D 76 8.42 24.16 -10.47
N ASP D 77 9.47 23.38 -10.75
CA ASP D 77 9.50 22.39 -11.87
C ASP D 77 8.58 21.20 -11.51
N VAL D 78 8.57 20.73 -10.28
CA VAL D 78 7.64 19.66 -9.81
C VAL D 78 6.20 20.14 -10.01
N TRP D 79 5.87 21.35 -9.56
CA TRP D 79 4.47 21.86 -9.57
C TRP D 79 4.04 22.04 -11.03
N LEU D 80 4.95 22.49 -11.90
CA LEU D 80 4.67 22.67 -13.35
C LEU D 80 4.31 21.31 -13.94
N MET D 81 4.95 20.23 -13.48
CA MET D 81 4.64 18.88 -14.00
C MET D 81 3.21 18.52 -13.57
N PHE D 82 2.91 18.77 -12.30
CA PHE D 82 1.61 18.41 -11.70
C PHE D 82 0.52 19.22 -12.42
N ASN D 83 0.73 20.54 -12.57
CA ASN D 83 -0.26 21.46 -13.20
C ASN D 83 -0.49 21.12 -14.68
N ASN D 84 0.52 20.67 -15.39
CA ASN D 84 0.34 20.25 -16.79
C ASN D 84 -0.69 19.11 -16.78
N ALA D 85 -0.56 18.15 -15.85
CA ALA D 85 -1.40 16.93 -15.83
C ALA D 85 -2.83 17.28 -15.41
N TRP D 86 -2.97 18.29 -14.54
CA TRP D 86 -4.27 18.76 -14.01
C TRP D 86 -4.91 19.72 -15.01
N LEU D 87 -4.13 20.48 -15.78
CA LEU D 87 -4.69 21.27 -16.91
C LEU D 87 -5.25 20.34 -18.00
N TYR D 88 -4.44 19.46 -18.59
CA TYR D 88 -4.74 18.71 -19.84
C TYR D 88 -5.77 17.59 -19.65
N ASN D 89 -5.76 16.89 -18.52
CA ASN D 89 -6.60 15.68 -18.30
C ASN D 89 -7.84 16.10 -17.51
N ARG D 90 -8.92 15.35 -17.68
CA ARG D 90 -10.16 15.64 -16.96
C ARG D 90 -10.03 15.11 -15.53
N LYS D 91 -10.87 15.59 -14.63
CA LYS D 91 -10.77 15.24 -13.19
C LYS D 91 -10.87 13.73 -13.03
N THR D 92 -11.76 13.05 -13.73
CA THR D 92 -11.74 11.57 -13.59
C THR D 92 -11.03 10.97 -14.82
N SER D 93 -9.73 10.75 -14.67
CA SER D 93 -8.84 10.15 -15.70
C SER D 93 -7.67 9.51 -14.98
N ARG D 94 -7.06 8.49 -15.57
CA ARG D 94 -5.96 7.79 -14.86
C ARG D 94 -4.81 8.76 -14.59
N VAL D 95 -4.47 9.58 -15.57
CA VAL D 95 -3.31 10.50 -15.37
C VAL D 95 -3.61 11.49 -14.25
N TYR D 96 -4.82 12.07 -14.23
CA TYR D 96 -5.18 13.09 -13.23
C TYR D 96 -5.16 12.47 -11.83
N LYS D 97 -5.69 11.26 -11.66
CA LYS D 97 -5.66 10.61 -10.33
C LYS D 97 -4.22 10.33 -9.91
N PHE D 98 -3.41 9.84 -10.85
CA PHE D 98 -2.01 9.49 -10.60
C PHE D 98 -1.25 10.75 -10.21
N CYS D 99 -1.51 11.83 -10.92
CA CYS D 99 -0.83 13.11 -10.65
C CYS D 99 -1.17 13.56 -9.24
N SER D 100 -2.45 13.48 -8.87
CA SER D 100 -2.91 13.87 -7.54
C SER D 100 -2.12 13.13 -6.47
N LYS D 101 -2.05 11.81 -6.60
CA LYS D 101 -1.29 10.92 -5.69
C LYS D 101 0.18 11.35 -5.60
N LEU D 102 0.82 11.70 -6.73
CA LEU D 102 2.22 12.19 -6.71
C LEU D 102 2.30 13.50 -5.89
N ALA D 103 1.33 14.40 -6.02
CA ALA D 103 1.30 15.72 -5.33
C ALA D 103 1.10 15.55 -3.81
N GLU D 104 0.33 14.55 -3.36
CA GLU D 104 0.19 14.17 -1.91
C GLU D 104 1.56 13.82 -1.33
N VAL D 105 2.25 12.91 -2.01
CA VAL D 105 3.55 12.34 -1.55
C VAL D 105 4.57 13.48 -1.52
N PHE D 106 4.53 14.36 -2.52
CA PHE D 106 5.50 15.48 -2.62
C PHE D 106 5.29 16.44 -1.44
N GLU D 107 4.04 16.86 -1.19
CA GLU D 107 3.70 17.86 -0.14
C GLU D 107 4.27 17.39 1.19
N GLN D 108 4.00 16.14 1.59
CA GLN D 108 4.50 15.53 2.86
C GLN D 108 6.02 15.71 2.96
N GLU D 109 6.74 15.32 1.91
CA GLU D 109 8.21 15.14 1.87
C GLU D 109 8.91 16.50 1.72
N ILE D 110 8.40 17.39 0.86
CA ILE D 110 9.13 18.63 0.51
C ILE D 110 9.17 19.58 1.70
N ASP D 111 8.11 19.58 2.54
CA ASP D 111 7.86 20.65 3.55
C ASP D 111 8.94 20.65 4.64
N PRO D 112 9.24 19.54 5.35
CA PRO D 112 10.36 19.51 6.29
C PRO D 112 11.70 19.91 5.63
N VAL D 113 12.04 19.25 4.52
CA VAL D 113 13.29 19.49 3.72
C VAL D 113 13.46 20.99 3.50
N MET D 114 12.44 21.65 2.95
CA MET D 114 12.51 23.10 2.60
C MET D 114 12.73 23.93 3.87
N GLN D 115 12.23 23.47 5.04
CA GLN D 115 12.46 24.17 6.34
C GLN D 115 13.97 24.11 6.67
N SER D 116 14.60 22.93 6.47
CA SER D 116 16.05 22.67 6.66
C SER D 116 16.92 23.52 5.71
N LEU D 117 16.35 24.25 4.75
CA LEU D 117 17.14 25.11 3.83
C LEU D 117 16.75 26.59 4.08
N LYS E 4 -18.10 11.20 48.10
CA LYS E 4 -17.53 9.82 48.11
C LYS E 4 -17.13 9.40 46.68
N ILE E 5 -15.83 9.16 46.48
CA ILE E 5 -15.24 8.64 45.22
C ILE E 5 -15.14 7.11 45.34
N PHE E 6 -15.67 6.41 44.34
CA PHE E 6 -15.72 4.94 44.35
C PHE E 6 -14.67 4.35 43.43
N LYS E 7 -13.97 3.34 43.93
CA LYS E 7 -13.06 2.62 43.04
C LYS E 7 -13.94 1.67 42.22
N PRO E 8 -13.53 1.27 41.02
CA PRO E 8 -14.31 0.34 40.22
C PRO E 8 -14.54 -0.98 40.96
N GLU E 9 -13.52 -1.47 41.66
CA GLU E 9 -13.59 -2.70 42.47
C GLU E 9 -14.72 -2.60 43.50
N GLU E 10 -14.97 -1.42 44.03
CA GLU E 10 -15.99 -1.26 45.10
C GLU E 10 -17.39 -1.32 44.47
N LEU E 11 -17.62 -0.59 43.37
CA LEU E 11 -18.93 -0.63 42.65
C LEU E 11 -19.20 -2.07 42.22
N ARG E 12 -18.22 -2.70 41.58
CA ARG E 12 -18.33 -4.13 41.18
C ARG E 12 -18.82 -4.96 42.37
N GLN E 13 -18.11 -4.91 43.52
CA GLN E 13 -18.42 -5.70 44.74
C GLN E 13 -19.86 -5.43 45.18
N ALA E 14 -20.26 -4.16 45.23
CA ALA E 14 -21.58 -3.67 45.70
C ALA E 14 -22.73 -4.15 44.77
N LEU E 15 -22.59 -4.03 43.43
CA LEU E 15 -23.71 -4.05 42.47
C LEU E 15 -23.81 -5.40 41.74
N MET E 16 -22.71 -6.13 41.58
CA MET E 16 -22.69 -7.33 40.70
C MET E 16 -23.61 -8.42 41.23
N PRO E 17 -23.84 -8.55 42.56
CA PRO E 17 -24.87 -9.46 43.06
C PRO E 17 -26.28 -9.10 42.55
N THR E 18 -26.61 -7.80 42.53
CA THR E 18 -27.93 -7.24 42.10
C THR E 18 -28.19 -7.53 40.61
N LEU E 19 -27.14 -7.56 39.78
CA LEU E 19 -27.21 -7.98 38.34
C LEU E 19 -27.27 -9.50 38.26
N GLU E 20 -26.61 -10.20 39.20
CA GLU E 20 -26.53 -11.69 39.26
C GLU E 20 -27.95 -12.22 39.53
N ALA E 21 -28.68 -11.50 40.41
CA ALA E 21 -30.10 -11.74 40.76
C ALA E 21 -30.94 -11.78 39.47
N LEU E 22 -30.71 -10.83 38.55
CA LEU E 22 -31.45 -10.82 37.26
C LEU E 22 -31.03 -12.05 36.45
N TYR E 23 -29.73 -12.37 36.47
CA TYR E 23 -29.15 -13.45 35.62
C TYR E 23 -29.71 -14.82 36.05
N ARG E 24 -30.08 -14.98 37.33
CA ARG E 24 -30.43 -16.28 37.96
C ARG E 24 -31.93 -16.55 37.70
N GLN E 25 -32.63 -15.56 37.13
CA GLN E 25 -34.01 -15.72 36.62
C GLN E 25 -33.95 -16.44 35.27
N ASP E 26 -34.42 -17.70 35.24
CA ASP E 26 -34.60 -18.55 34.05
C ASP E 26 -36.07 -18.95 34.01
N PRO E 27 -36.77 -18.93 32.84
CA PRO E 27 -36.22 -18.44 31.57
C PRO E 27 -36.22 -16.90 31.33
N GLU E 28 -36.56 -16.09 32.33
CA GLU E 28 -36.99 -14.68 32.10
C GLU E 28 -35.83 -13.79 31.63
N SER E 29 -34.58 -13.98 32.10
CA SER E 29 -33.40 -13.14 31.74
C SER E 29 -32.84 -13.52 30.37
N LEU E 30 -33.21 -14.67 29.82
CA LEU E 30 -32.47 -15.29 28.70
C LEU E 30 -32.47 -14.35 27.51
N PRO E 31 -33.61 -13.72 27.11
CA PRO E 31 -33.61 -12.86 25.94
C PRO E 31 -32.91 -11.51 26.22
N PHE E 32 -32.66 -11.20 27.51
CA PHE E 32 -31.96 -9.97 27.97
C PHE E 32 -30.43 -10.15 28.06
N ARG E 33 -29.89 -11.36 28.04
CA ARG E 33 -28.45 -11.62 28.35
C ARG E 33 -27.55 -11.17 27.20
N GLN E 34 -28.06 -11.07 25.98
CA GLN E 34 -27.27 -10.54 24.84
C GLN E 34 -28.09 -9.40 24.21
N PRO E 35 -27.44 -8.56 23.39
CA PRO E 35 -28.15 -7.53 22.63
C PRO E 35 -29.14 -8.12 21.61
N VAL E 36 -30.31 -7.51 21.48
CA VAL E 36 -31.29 -7.90 20.42
C VAL E 36 -30.59 -7.78 19.06
N ASP E 37 -30.81 -8.77 18.20
CA ASP E 37 -30.60 -8.68 16.73
C ASP E 37 -31.97 -8.63 16.08
N PRO E 38 -32.47 -7.42 15.71
CA PRO E 38 -33.83 -7.31 15.21
C PRO E 38 -33.90 -8.07 13.87
N GLN E 39 -32.92 -7.86 12.99
CA GLN E 39 -32.90 -8.38 11.60
C GLN E 39 -33.08 -9.90 11.61
N LEU E 40 -32.33 -10.58 12.48
CA LEU E 40 -32.36 -12.07 12.65
C LEU E 40 -33.75 -12.50 13.13
N LEU E 41 -34.40 -11.71 13.99
CA LEU E 41 -35.70 -12.05 14.64
C LEU E 41 -36.87 -11.71 13.71
N GLY E 42 -36.61 -11.04 12.59
CA GLY E 42 -37.67 -10.50 11.72
C GLY E 42 -38.56 -9.52 12.48
N ILE E 43 -37.96 -8.57 13.21
CA ILE E 43 -38.66 -7.40 13.81
C ILE E 43 -37.85 -6.16 13.45
N PRO E 44 -37.77 -5.84 12.14
CA PRO E 44 -36.81 -4.86 11.63
C PRO E 44 -37.09 -3.40 12.05
N ASP E 45 -38.25 -3.10 12.65
CA ASP E 45 -38.56 -1.76 13.21
C ASP E 45 -37.90 -1.53 14.60
N TYR E 46 -37.31 -2.55 15.26
CA TYR E 46 -36.87 -2.46 16.69
C TYR E 46 -36.01 -1.21 16.94
N PHE E 47 -35.02 -0.91 16.09
CA PHE E 47 -34.08 0.22 16.33
C PHE E 47 -34.69 1.56 15.92
N ASP E 48 -35.94 1.58 15.43
CA ASP E 48 -36.71 2.81 15.12
C ASP E 48 -37.44 3.28 16.39
N ILE E 49 -37.97 2.33 17.16
CA ILE E 49 -38.68 2.65 18.43
C ILE E 49 -37.65 2.73 19.57
N VAL E 50 -36.67 1.82 19.59
CA VAL E 50 -35.65 1.68 20.67
C VAL E 50 -34.33 2.33 20.23
N LYS E 51 -34.04 3.50 20.78
CA LYS E 51 -32.99 4.41 20.26
C LYS E 51 -31.71 4.13 21.02
N ASN E 52 -31.81 3.76 22.29
CA ASN E 52 -30.63 3.38 23.12
C ASN E 52 -30.85 1.98 23.67
N PRO E 53 -30.45 0.94 22.90
CA PRO E 53 -30.55 -0.45 23.33
C PRO E 53 -29.56 -0.73 24.46
N MET E 54 -29.98 -1.55 25.41
CA MET E 54 -29.22 -1.97 26.59
C MET E 54 -29.61 -3.42 26.90
N ASP E 55 -28.67 -4.18 27.48
CA ASP E 55 -28.84 -5.61 27.83
C ASP E 55 -27.83 -5.97 28.93
N LEU E 56 -28.01 -7.12 29.56
CA LEU E 56 -27.19 -7.59 30.70
C LEU E 56 -25.71 -7.66 30.31
N SER E 57 -25.37 -8.12 29.12
CA SER E 57 -23.94 -8.26 28.70
C SER E 57 -23.31 -6.86 28.71
N THR E 58 -24.09 -5.83 28.36
CA THR E 58 -23.54 -4.45 28.24
C THR E 58 -23.32 -3.92 29.67
N ILE E 59 -24.31 -4.06 30.55
CA ILE E 59 -24.16 -3.56 31.95
C ILE E 59 -22.96 -4.29 32.58
N LYS E 60 -22.95 -5.63 32.50
CA LYS E 60 -21.90 -6.46 33.13
C LYS E 60 -20.53 -5.94 32.66
N ARG E 61 -20.38 -5.72 31.36
CA ARG E 61 -19.07 -5.28 30.82
C ARG E 61 -18.71 -3.94 31.48
N LYS E 62 -19.69 -3.06 31.71
CA LYS E 62 -19.42 -1.68 32.20
C LYS E 62 -18.96 -1.74 33.65
N LEU E 63 -19.59 -2.60 34.42
CA LEU E 63 -19.26 -2.85 35.84
C LEU E 63 -17.85 -3.44 35.96
N ASP E 64 -17.52 -4.43 35.11
CA ASP E 64 -16.25 -5.18 35.10
C ASP E 64 -15.07 -4.23 34.85
N THR E 65 -15.24 -3.23 34.01
CA THR E 65 -14.14 -2.39 33.47
C THR E 65 -14.19 -0.98 34.08
N GLY E 66 -15.17 -0.69 34.94
CA GLY E 66 -15.24 0.54 35.73
C GLY E 66 -15.88 1.69 34.97
N GLN E 67 -16.69 1.42 33.94
CA GLN E 67 -17.26 2.47 33.06
C GLN E 67 -18.21 3.39 33.86
N TYR E 68 -18.86 2.89 34.91
CA TYR E 68 -19.70 3.69 35.85
C TYR E 68 -18.80 4.30 36.95
N GLN E 69 -18.93 5.61 37.19
CA GLN E 69 -18.31 6.34 38.34
C GLN E 69 -19.26 6.37 39.54
N GLU E 70 -20.58 6.38 39.32
CA GLU E 70 -21.56 6.49 40.43
C GLU E 70 -22.58 5.38 40.30
N PRO E 71 -23.02 4.78 41.43
CA PRO E 71 -24.02 3.72 41.40
C PRO E 71 -25.32 4.11 40.71
N TRP E 72 -25.71 5.39 40.68
CA TRP E 72 -26.94 5.83 39.96
C TRP E 72 -26.81 5.57 38.44
N GLN E 73 -25.60 5.66 37.88
CA GLN E 73 -25.35 5.40 36.43
C GLN E 73 -25.65 3.92 36.12
N TYR E 74 -25.34 3.01 37.04
CA TYR E 74 -25.56 1.56 36.89
C TYR E 74 -27.07 1.33 36.85
N VAL E 75 -27.77 1.98 37.79
CA VAL E 75 -29.24 1.86 38.01
C VAL E 75 -29.96 2.35 36.77
N ASP E 76 -29.52 3.47 36.18
CA ASP E 76 -30.18 4.09 35.02
C ASP E 76 -30.10 3.12 33.83
N ASP E 77 -28.98 2.40 33.70
CA ASP E 77 -28.80 1.46 32.57
C ASP E 77 -29.73 0.25 32.76
N VAL E 78 -29.87 -0.23 34.00
CA VAL E 78 -30.83 -1.33 34.29
C VAL E 78 -32.21 -0.89 33.82
N TRP E 79 -32.70 0.24 34.32
CA TRP E 79 -34.04 0.78 33.99
C TRP E 79 -34.20 1.13 32.51
N LEU E 80 -33.13 1.53 31.81
CA LEU E 80 -33.20 1.72 30.34
C LEU E 80 -33.55 0.38 29.64
N MET E 81 -32.92 -0.72 30.09
CA MET E 81 -33.12 -2.10 29.56
C MET E 81 -34.59 -2.47 29.73
N PHE E 82 -35.13 -2.28 30.93
CA PHE E 82 -36.56 -2.50 31.25
C PHE E 82 -37.45 -1.61 30.38
N ASN E 83 -37.19 -0.29 30.35
CA ASN E 83 -38.11 0.68 29.67
C ASN E 83 -38.10 0.35 28.16
N ASN E 84 -37.00 -0.14 27.60
CA ASN E 84 -36.99 -0.48 26.15
C ASN E 84 -38.00 -1.61 25.92
N ALA E 85 -37.94 -2.64 26.76
CA ALA E 85 -38.77 -3.86 26.65
C ALA E 85 -40.25 -3.46 26.75
N TRP E 86 -40.58 -2.68 27.78
CA TRP E 86 -41.93 -2.12 28.06
C TRP E 86 -42.40 -1.20 26.92
N LEU E 87 -41.49 -0.49 26.27
CA LEU E 87 -41.93 0.40 25.18
C LEU E 87 -42.16 -0.40 23.90
N TYR E 88 -41.16 -1.17 23.47
CA TYR E 88 -41.24 -1.91 22.19
C TYR E 88 -42.31 -3.00 22.18
N ASN E 89 -42.48 -3.72 23.27
CA ASN E 89 -43.39 -4.87 23.26
C ASN E 89 -44.74 -4.51 23.88
N ARG E 90 -45.78 -5.23 23.50
CA ARG E 90 -47.13 -5.02 24.08
C ARG E 90 -47.20 -5.67 25.45
N LYS E 91 -48.17 -5.32 26.28
CA LYS E 91 -48.34 -5.95 27.60
C LYS E 91 -48.60 -7.45 27.40
N THR E 92 -49.40 -7.81 26.40
CA THR E 92 -49.73 -9.21 26.04
C THR E 92 -48.65 -9.82 25.14
N SER E 93 -47.42 -9.87 25.61
CA SER E 93 -46.30 -10.51 24.89
C SER E 93 -45.32 -11.08 25.91
N ARG E 94 -44.57 -12.12 25.53
CA ARG E 94 -43.65 -12.85 26.45
C ARG E 94 -42.52 -11.99 26.97
N VAL E 95 -41.87 -11.22 26.10
CA VAL E 95 -40.70 -10.41 26.53
C VAL E 95 -41.16 -9.39 27.57
N TYR E 96 -42.32 -8.79 27.38
CA TYR E 96 -42.83 -7.78 28.34
C TYR E 96 -43.00 -8.38 29.73
N LYS E 97 -43.51 -9.61 29.81
CA LYS E 97 -43.88 -10.26 31.09
C LYS E 97 -42.58 -10.63 31.81
N PHE E 98 -41.63 -11.16 31.02
CA PHE E 98 -40.28 -11.53 31.49
C PHE E 98 -39.71 -10.28 32.16
N CYS E 99 -39.75 -9.16 31.41
CA CYS E 99 -39.17 -7.85 31.84
C CYS E 99 -39.75 -7.44 33.20
N SER E 100 -41.08 -7.42 33.34
CA SER E 100 -41.80 -6.99 34.58
C SER E 100 -41.33 -7.85 35.75
N LYS E 101 -40.94 -9.09 35.48
CA LYS E 101 -40.47 -10.04 36.52
C LYS E 101 -39.01 -9.70 36.88
N LEU E 102 -38.16 -9.36 35.90
CA LEU E 102 -36.78 -8.84 36.16
C LEU E 102 -36.87 -7.53 36.95
N ALA E 103 -37.75 -6.60 36.54
CA ALA E 103 -37.92 -5.30 37.23
C ALA E 103 -38.23 -5.55 38.70
N GLU E 104 -39.19 -6.46 38.95
CA GLU E 104 -39.67 -6.86 40.30
C GLU E 104 -38.49 -7.39 41.14
N VAL E 105 -37.68 -8.29 40.56
CA VAL E 105 -36.51 -8.86 41.30
C VAL E 105 -35.53 -7.73 41.61
N PHE E 106 -35.09 -7.01 40.56
CA PHE E 106 -34.22 -5.82 40.69
C PHE E 106 -34.75 -4.87 41.77
N GLU E 107 -36.06 -4.57 41.82
CA GLU E 107 -36.56 -3.56 42.82
C GLU E 107 -36.19 -4.03 44.23
N GLN E 108 -36.46 -5.30 44.57
CA GLN E 108 -36.14 -5.93 45.88
C GLN E 108 -34.65 -5.76 46.19
N GLU E 109 -33.76 -6.23 45.30
CA GLU E 109 -32.30 -6.35 45.52
C GLU E 109 -31.59 -4.98 45.60
N ILE E 110 -32.14 -3.92 44.98
CA ILE E 110 -31.38 -2.66 44.74
C ILE E 110 -31.58 -1.65 45.88
N ASP E 111 -32.78 -1.55 46.46
CA ASP E 111 -33.08 -0.56 47.55
C ASP E 111 -32.05 -0.69 48.67
N PRO E 112 -31.88 -1.88 49.30
CA PRO E 112 -30.93 -2.04 50.42
C PRO E 112 -29.49 -1.75 50.01
N VAL E 113 -29.05 -2.29 48.87
CA VAL E 113 -27.66 -2.14 48.36
C VAL E 113 -27.39 -0.65 48.14
N MET E 114 -28.38 0.08 47.59
CA MET E 114 -28.23 1.52 47.31
C MET E 114 -27.96 2.24 48.63
N GLN E 115 -28.71 1.92 49.69
CA GLN E 115 -28.57 2.56 51.03
C GLN E 115 -27.13 2.36 51.55
N SER E 116 -26.60 1.12 51.59
CA SER E 116 -25.24 0.79 52.06
C SER E 116 -24.22 1.86 51.65
N LEU E 117 -24.28 2.33 50.40
CA LEU E 117 -23.22 3.16 49.74
C LEU E 117 -23.27 4.60 50.26
N ILE F 5 -34.52 6.56 3.26
CA ILE F 5 -34.50 5.45 4.29
C ILE F 5 -33.76 4.26 3.67
N PHE F 6 -32.67 3.79 4.31
CA PHE F 6 -31.78 2.73 3.79
C PHE F 6 -32.09 1.39 4.48
N LYS F 7 -31.79 0.30 3.77
CA LYS F 7 -31.89 -1.08 4.32
C LYS F 7 -30.60 -1.41 5.07
N PRO F 8 -30.69 -2.10 6.22
CA PRO F 8 -29.49 -2.56 6.94
C PRO F 8 -28.40 -3.15 6.02
N GLU F 9 -28.81 -4.09 5.17
CA GLU F 9 -27.96 -4.86 4.21
C GLU F 9 -27.25 -3.93 3.22
N GLU F 10 -27.87 -2.80 2.85
CA GLU F 10 -27.31 -1.77 1.92
C GLU F 10 -26.23 -0.92 2.61
N LEU F 11 -26.43 -0.63 3.90
CA LEU F 11 -25.48 0.19 4.70
C LEU F 11 -24.24 -0.69 4.95
N ARG F 12 -24.48 -1.97 5.25
CA ARG F 12 -23.40 -2.93 5.52
C ARG F 12 -22.49 -2.94 4.30
N GLN F 13 -23.12 -3.03 3.12
CA GLN F 13 -22.39 -3.22 1.83
C GLN F 13 -21.62 -1.95 1.49
N ALA F 14 -22.21 -0.76 1.61
CA ALA F 14 -21.53 0.49 1.18
C ALA F 14 -20.42 0.85 2.17
N LEU F 15 -20.70 0.69 3.46
CA LEU F 15 -19.86 1.23 4.56
C LEU F 15 -18.81 0.26 5.11
N MET F 16 -19.10 -1.04 5.19
CA MET F 16 -18.19 -2.02 5.85
C MET F 16 -16.80 -1.99 5.23
N PRO F 17 -16.62 -1.79 3.91
CA PRO F 17 -15.29 -1.65 3.37
C PRO F 17 -14.48 -0.51 4.01
N THR F 18 -15.11 0.60 4.39
CA THR F 18 -14.38 1.67 5.11
C THR F 18 -13.92 1.13 6.48
N LEU F 19 -14.74 0.33 7.14
CA LEU F 19 -14.38 -0.26 8.45
C LEU F 19 -13.24 -1.26 8.28
N GLU F 20 -13.32 -2.09 7.25
CA GLU F 20 -12.27 -3.10 6.93
C GLU F 20 -10.97 -2.37 6.61
N ALA F 21 -11.03 -1.23 5.95
CA ALA F 21 -9.81 -0.45 5.65
C ALA F 21 -9.09 -0.09 6.94
N LEU F 22 -9.79 0.30 8.00
CA LEU F 22 -9.13 0.63 9.28
C LEU F 22 -8.54 -0.65 9.92
N TYR F 23 -9.28 -1.76 9.90
CA TYR F 23 -8.81 -3.03 10.49
C TYR F 23 -7.55 -3.51 9.78
N ARG F 24 -7.49 -3.25 8.49
CA ARG F 24 -6.39 -3.64 7.61
C ARG F 24 -5.11 -2.99 8.13
N GLN F 25 -5.15 -1.74 8.59
CA GLN F 25 -3.90 -1.15 9.12
C GLN F 25 -3.50 -1.96 10.35
N ASP F 26 -2.31 -2.55 10.30
CA ASP F 26 -1.69 -3.32 11.40
C ASP F 26 -0.29 -2.77 11.51
N PRO F 27 0.18 -2.26 12.66
CA PRO F 27 -0.45 -2.43 13.96
C PRO F 27 -1.28 -1.27 14.49
N GLU F 28 -1.48 -0.22 13.70
CA GLU F 28 -2.16 0.99 14.19
C GLU F 28 -3.57 0.69 14.67
N SER F 29 -4.31 -0.20 14.02
CA SER F 29 -5.69 -0.47 14.47
C SER F 29 -5.76 -1.47 15.61
N LEU F 30 -4.67 -2.08 16.01
CA LEU F 30 -4.79 -3.17 17.00
C LEU F 30 -5.39 -2.67 18.31
N PRO F 31 -5.03 -1.49 18.84
CA PRO F 31 -5.62 -0.97 20.06
C PRO F 31 -7.11 -0.64 19.95
N PHE F 32 -7.58 -0.32 18.73
CA PHE F 32 -8.98 0.08 18.44
C PHE F 32 -9.87 -1.11 18.08
N ARG F 33 -9.37 -2.33 18.09
CA ARG F 33 -10.19 -3.49 17.68
C ARG F 33 -11.17 -3.94 18.77
N GLN F 34 -11.00 -3.50 20.00
CA GLN F 34 -11.90 -3.92 21.12
C GLN F 34 -12.05 -2.75 22.10
N PRO F 35 -13.06 -2.72 22.98
CA PRO F 35 -13.13 -1.63 23.95
C PRO F 35 -11.86 -1.56 24.82
N VAL F 36 -11.43 -0.34 25.16
CA VAL F 36 -10.39 -0.08 26.21
C VAL F 36 -10.86 -0.74 27.52
N ASP F 37 -9.95 -1.32 28.32
CA ASP F 37 -10.13 -1.65 29.76
C ASP F 37 -9.12 -0.84 30.57
N PRO F 38 -9.45 0.37 31.05
CA PRO F 38 -8.44 1.25 31.65
C PRO F 38 -7.76 0.66 32.89
N GLN F 39 -8.51 -0.08 33.70
CA GLN F 39 -8.03 -0.80 34.92
C GLN F 39 -6.86 -1.71 34.52
N LEU F 40 -7.12 -2.61 33.60
CA LEU F 40 -6.10 -3.56 33.10
C LEU F 40 -4.88 -2.77 32.61
N LEU F 41 -5.12 -1.65 31.95
CA LEU F 41 -4.01 -0.88 31.34
C LEU F 41 -3.33 0.02 32.35
N GLY F 42 -3.87 0.18 33.53
CA GLY F 42 -3.23 1.09 34.49
C GLY F 42 -3.37 2.56 34.12
N ILE F 43 -4.48 2.93 33.49
CA ILE F 43 -4.77 4.35 33.15
C ILE F 43 -6.18 4.60 33.67
N PRO F 44 -6.38 4.67 34.99
CA PRO F 44 -7.71 4.76 35.56
C PRO F 44 -8.52 6.03 35.32
N ASP F 45 -7.90 7.09 34.82
CA ASP F 45 -8.63 8.36 34.56
C ASP F 45 -9.35 8.32 33.20
N TYR F 46 -9.18 7.28 32.41
CA TYR F 46 -9.69 7.23 31.03
C TYR F 46 -11.19 7.47 30.95
N PHE F 47 -11.99 6.82 31.79
CA PHE F 47 -13.45 7.03 31.76
C PHE F 47 -13.83 8.44 32.22
N ASP F 48 -13.02 9.07 33.06
CA ASP F 48 -13.25 10.47 33.47
C ASP F 48 -13.02 11.41 32.29
N ILE F 49 -11.98 11.21 31.51
CA ILE F 49 -11.77 12.08 30.33
C ILE F 49 -12.77 11.70 29.23
N VAL F 50 -12.78 10.44 28.82
CA VAL F 50 -13.59 9.91 27.69
C VAL F 50 -14.97 9.49 28.16
N LYS F 51 -15.97 10.34 27.96
CA LYS F 51 -17.36 10.13 28.39
C LYS F 51 -18.10 9.06 27.57
N ASN F 52 -17.86 9.02 26.27
CA ASN F 52 -18.56 8.02 25.44
C ASN F 52 -17.54 7.19 24.69
N PRO F 53 -17.17 6.01 25.18
CA PRO F 53 -16.18 5.21 24.51
C PRO F 53 -16.72 4.62 23.21
N MET F 54 -15.85 4.44 22.22
CA MET F 54 -16.26 3.83 20.94
C MET F 54 -15.06 3.08 20.37
N ASP F 55 -15.30 1.95 19.74
CA ASP F 55 -14.23 1.14 19.13
C ASP F 55 -14.78 0.37 17.93
N LEU F 56 -13.89 -0.19 17.13
CA LEU F 56 -14.28 -0.92 15.90
C LEU F 56 -15.28 -2.04 16.21
N SER F 57 -15.06 -2.83 17.25
CA SER F 57 -15.98 -3.94 17.60
C SER F 57 -17.39 -3.37 17.73
N THR F 58 -17.55 -2.19 18.33
CA THR F 58 -18.90 -1.64 18.60
C THR F 58 -19.51 -1.11 17.30
N ILE F 59 -18.72 -0.44 16.47
CA ILE F 59 -19.14 0.05 15.14
C ILE F 59 -19.52 -1.15 14.26
N LYS F 60 -18.70 -2.19 14.20
CA LYS F 60 -18.96 -3.43 13.40
C LYS F 60 -20.23 -4.13 13.91
N ARG F 61 -20.42 -4.29 15.22
CA ARG F 61 -21.66 -4.93 15.72
C ARG F 61 -22.84 -4.08 15.26
N LYS F 62 -22.78 -2.75 15.46
CA LYS F 62 -23.90 -1.83 15.11
C LYS F 62 -24.26 -2.01 13.62
N LEU F 63 -23.26 -1.99 12.74
CA LEU F 63 -23.40 -2.12 11.27
C LEU F 63 -23.92 -3.52 10.93
N ASP F 64 -23.51 -4.56 11.66
CA ASP F 64 -23.90 -5.98 11.37
C ASP F 64 -25.38 -6.21 11.74
N THR F 65 -25.92 -5.52 12.74
CA THR F 65 -27.30 -5.72 13.30
C THR F 65 -28.27 -4.61 12.81
N GLY F 66 -27.80 -3.68 11.96
CA GLY F 66 -28.54 -2.51 11.42
C GLY F 66 -28.96 -1.51 12.49
N GLN F 67 -28.10 -1.21 13.45
CA GLN F 67 -28.41 -0.22 14.50
C GLN F 67 -28.30 1.20 13.92
N TYR F 68 -27.56 1.41 12.84
CA TYR F 68 -27.47 2.73 12.16
C TYR F 68 -28.69 2.92 11.23
N GLN F 69 -29.61 3.83 11.58
CA GLN F 69 -30.77 4.20 10.72
C GLN F 69 -30.26 4.83 9.43
N GLU F 70 -29.29 5.73 9.46
CA GLU F 70 -28.79 6.40 8.22
C GLU F 70 -27.28 6.47 8.32
N PRO F 71 -26.59 6.67 7.18
CA PRO F 71 -25.15 6.47 7.16
C PRO F 71 -24.31 7.45 7.99
N TRP F 72 -24.76 8.68 8.21
CA TRP F 72 -23.97 9.70 8.98
C TRP F 72 -23.84 9.28 10.44
N GLN F 73 -24.67 8.35 10.89
CA GLN F 73 -24.59 7.82 12.28
C GLN F 73 -23.32 6.97 12.38
N TYR F 74 -23.00 6.19 11.34
CA TYR F 74 -21.76 5.38 11.23
C TYR F 74 -20.55 6.32 11.29
N VAL F 75 -20.59 7.35 10.45
CA VAL F 75 -19.48 8.34 10.32
C VAL F 75 -19.27 9.01 11.69
N ASP F 76 -20.35 9.35 12.40
CA ASP F 76 -20.25 10.00 13.74
C ASP F 76 -19.51 9.05 14.71
N ASP F 77 -19.80 7.74 14.69
CA ASP F 77 -19.17 6.75 15.60
C ASP F 77 -17.67 6.66 15.26
N VAL F 78 -17.27 6.48 14.01
CA VAL F 78 -15.82 6.40 13.69
C VAL F 78 -15.12 7.64 14.26
N TRP F 79 -15.64 8.84 14.03
CA TRP F 79 -14.99 10.09 14.45
C TRP F 79 -15.02 10.22 15.99
N LEU F 80 -16.02 9.64 16.63
CA LEU F 80 -16.05 9.62 18.13
C LEU F 80 -14.84 8.80 18.59
N MET F 81 -14.55 7.71 17.87
CA MET F 81 -13.44 6.80 18.24
C MET F 81 -12.12 7.57 18.14
N PHE F 82 -11.96 8.30 17.06
CA PHE F 82 -10.74 9.08 16.79
C PHE F 82 -10.63 10.21 17.84
N ASN F 83 -11.68 10.98 18.00
CA ASN F 83 -11.61 12.21 18.83
C ASN F 83 -11.29 11.85 20.28
N ASN F 84 -11.76 10.68 20.74
CA ASN F 84 -11.53 10.13 22.10
C ASN F 84 -10.03 9.87 22.23
N ALA F 85 -9.42 9.25 21.24
CA ALA F 85 -7.96 8.99 21.27
C ALA F 85 -7.18 10.33 21.25
N TRP F 86 -7.63 11.31 20.48
CA TRP F 86 -6.95 12.62 20.40
C TRP F 86 -7.22 13.44 21.68
N LEU F 87 -8.35 13.25 22.34
CA LEU F 87 -8.63 13.94 23.63
C LEU F 87 -7.73 13.37 24.73
N TYR F 88 -7.76 12.05 24.94
CA TYR F 88 -7.11 11.34 26.08
C TYR F 88 -5.58 11.40 25.98
N ASN F 89 -5.01 11.07 24.83
CA ASN F 89 -3.58 10.80 24.65
C ASN F 89 -2.86 12.08 24.22
N ARG F 90 -1.55 12.13 24.46
CA ARG F 90 -0.65 13.26 24.10
C ARG F 90 -0.19 13.10 22.65
N LYS F 91 0.09 14.20 21.97
CA LYS F 91 0.54 14.22 20.56
C LYS F 91 1.77 13.31 20.43
N THR F 92 2.57 13.23 21.49
CA THR F 92 3.85 12.45 21.57
C THR F 92 3.56 10.95 21.53
N SER F 93 2.44 10.52 22.13
CA SER F 93 2.09 9.08 22.38
C SER F 93 1.92 8.31 21.06
N ARG F 94 2.08 6.99 21.12
CA ARG F 94 2.01 6.05 19.97
C ARG F 94 0.56 5.91 19.48
N VAL F 95 -0.40 5.83 20.41
CA VAL F 95 -1.86 5.61 20.15
C VAL F 95 -2.38 6.79 19.34
N TYR F 96 -2.07 8.01 19.81
CA TYR F 96 -2.45 9.29 19.17
C TYR F 96 -2.05 9.30 17.69
N LYS F 97 -0.82 8.86 17.43
CA LYS F 97 -0.20 8.79 16.08
C LYS F 97 -0.83 7.60 15.32
N PHE F 98 -1.20 6.54 16.04
CA PHE F 98 -1.91 5.35 15.49
C PHE F 98 -3.28 5.82 14.97
N CYS F 99 -3.92 6.67 15.77
CA CYS F 99 -5.24 7.29 15.52
C CYS F 99 -5.19 8.23 14.32
N SER F 100 -4.14 9.06 14.21
CA SER F 100 -3.95 10.02 13.09
C SER F 100 -3.83 9.26 11.77
N LYS F 101 -3.25 8.07 11.78
CA LYS F 101 -3.06 7.22 10.59
C LYS F 101 -4.42 6.62 10.19
N LEU F 102 -5.20 6.18 11.18
CA LEU F 102 -6.54 5.58 10.99
C LEU F 102 -7.45 6.64 10.37
N ALA F 103 -7.49 7.82 11.00
CA ALA F 103 -8.16 9.04 10.51
C ALA F 103 -7.72 9.36 9.07
N GLU F 104 -6.43 9.35 8.77
CA GLU F 104 -5.94 9.59 7.38
C GLU F 104 -6.63 8.57 6.46
N VAL F 105 -6.56 7.29 6.80
CA VAL F 105 -7.11 6.21 5.92
C VAL F 105 -8.61 6.46 5.74
N PHE F 106 -9.31 6.83 6.81
CA PHE F 106 -10.78 6.94 6.83
C PHE F 106 -11.25 8.05 5.90
N GLU F 107 -10.63 9.23 5.96
CA GLU F 107 -11.02 10.43 5.15
C GLU F 107 -11.06 10.04 3.66
N GLN F 108 -10.07 9.28 3.21
CA GLN F 108 -9.90 8.90 1.78
C GLN F 108 -10.92 7.81 1.43
N GLU F 109 -11.14 6.83 2.31
CA GLU F 109 -12.13 5.76 2.04
C GLU F 109 -13.55 6.33 2.02
N ILE F 110 -13.90 7.19 3.00
CA ILE F 110 -15.31 7.53 3.38
C ILE F 110 -15.89 8.57 2.39
N ASP F 111 -15.08 9.50 1.91
CA ASP F 111 -15.49 10.59 0.99
C ASP F 111 -16.28 10.01 -0.20
N PRO F 112 -15.67 9.16 -1.08
CA PRO F 112 -16.41 8.52 -2.19
C PRO F 112 -17.64 7.68 -1.83
N VAL F 113 -17.62 6.90 -0.75
CA VAL F 113 -18.79 6.02 -0.45
C VAL F 113 -20.01 6.87 -0.05
N MET F 114 -19.81 8.00 0.62
CA MET F 114 -20.89 8.93 1.07
C MET F 114 -21.43 9.75 -0.11
N GLN F 115 -20.61 10.03 -1.13
CA GLN F 115 -21.04 10.65 -2.42
C GLN F 115 -22.06 9.76 -3.14
N SER F 116 -22.01 8.43 -2.98
CA SER F 116 -22.89 7.46 -3.65
C SER F 116 -24.02 7.00 -2.73
N LEU F 117 -24.40 7.81 -1.73
CA LEU F 117 -25.51 7.48 -0.80
C LEU F 117 -26.54 8.61 -0.77
N ILE G 5 -29.52 -36.31 37.04
CA ILE G 5 -28.94 -35.68 35.78
C ILE G 5 -28.99 -34.15 35.83
N PHE G 6 -28.06 -33.50 35.13
CA PHE G 6 -27.70 -32.07 35.32
C PHE G 6 -28.55 -31.16 34.43
N LYS G 7 -29.27 -30.25 35.11
CA LYS G 7 -29.93 -29.05 34.53
C LYS G 7 -28.90 -27.92 34.41
N PRO G 8 -28.71 -27.34 33.20
CA PRO G 8 -27.75 -26.26 32.97
C PRO G 8 -27.78 -25.05 33.93
N GLU G 9 -28.94 -24.73 34.53
CA GLU G 9 -29.18 -23.61 35.48
C GLU G 9 -28.85 -24.05 36.91
N GLU G 10 -28.96 -25.34 37.21
CA GLU G 10 -28.45 -25.97 38.46
C GLU G 10 -26.92 -25.86 38.46
N LEU G 11 -26.29 -26.21 37.32
CA LEU G 11 -24.82 -26.12 37.11
C LEU G 11 -24.37 -24.66 37.28
N ARG G 12 -25.10 -23.74 36.64
CA ARG G 12 -24.81 -22.28 36.72
C ARG G 12 -24.83 -21.86 38.20
N GLN G 13 -25.87 -22.22 38.94
CA GLN G 13 -26.13 -21.63 40.28
C GLN G 13 -25.06 -22.12 41.26
N ALA G 14 -24.46 -23.29 41.01
CA ALA G 14 -23.52 -23.93 41.96
C ALA G 14 -22.08 -23.57 41.60
N LEU G 15 -21.75 -23.52 40.31
CA LEU G 15 -20.38 -23.24 39.79
C LEU G 15 -20.06 -21.74 39.66
N MET G 16 -21.03 -20.89 39.28
CA MET G 16 -20.79 -19.46 38.95
C MET G 16 -20.07 -18.76 40.11
N PRO G 17 -20.42 -18.99 41.40
CA PRO G 17 -19.72 -18.35 42.51
C PRO G 17 -18.23 -18.68 42.56
N THR G 18 -17.83 -19.86 42.09
CA THR G 18 -16.39 -20.29 42.01
C THR G 18 -15.72 -19.41 40.96
N LEU G 19 -16.41 -19.17 39.85
CA LEU G 19 -15.90 -18.30 38.76
C LEU G 19 -15.89 -16.85 39.23
N GLU G 20 -16.86 -16.45 40.05
CA GLU G 20 -17.01 -15.07 40.59
C GLU G 20 -15.85 -14.78 41.54
N ALA G 21 -15.45 -15.79 42.31
CA ALA G 21 -14.35 -15.72 43.29
C ALA G 21 -13.07 -15.31 42.54
N LEU G 22 -12.88 -15.83 41.34
CA LEU G 22 -11.74 -15.45 40.46
C LEU G 22 -11.91 -13.99 39.97
N TYR G 23 -13.08 -13.60 39.46
CA TYR G 23 -13.33 -12.22 38.96
C TYR G 23 -13.00 -11.21 40.07
N ARG G 24 -13.46 -11.53 41.29
CA ARG G 24 -13.42 -10.72 42.54
C ARG G 24 -11.97 -10.35 42.93
N GLN G 25 -10.97 -11.03 42.36
CA GLN G 25 -9.52 -10.75 42.60
C GLN G 25 -9.06 -9.65 41.64
N ASP G 26 -8.81 -8.48 42.23
CA ASP G 26 -8.42 -7.23 41.51
C ASP G 26 -7.10 -6.79 42.11
N PRO G 27 -6.00 -6.63 41.35
CA PRO G 27 -6.00 -6.67 39.89
C PRO G 27 -5.63 -7.99 39.19
N GLU G 28 -5.66 -9.10 39.93
CA GLU G 28 -5.04 -10.38 39.49
C GLU G 28 -5.85 -10.97 38.31
N SER G 29 -7.19 -10.97 38.37
CA SER G 29 -8.07 -11.49 37.28
C SER G 29 -8.01 -10.64 35.99
N LEU G 30 -7.76 -9.33 36.11
CA LEU G 30 -7.96 -8.38 34.97
C LEU G 30 -7.42 -8.99 33.67
N PRO G 31 -6.20 -9.55 33.58
CA PRO G 31 -5.70 -10.04 32.29
C PRO G 31 -6.39 -11.33 31.82
N PHE G 32 -7.19 -11.93 32.71
CA PHE G 32 -7.84 -13.26 32.48
C PHE G 32 -9.32 -13.08 32.13
N ARG G 33 -9.80 -11.84 32.09
CA ARG G 33 -11.24 -11.54 31.93
C ARG G 33 -11.68 -11.54 30.45
N GLN G 34 -10.75 -11.57 29.50
CA GLN G 34 -11.00 -11.57 28.04
C GLN G 34 -9.91 -12.35 27.35
N PRO G 35 -10.15 -12.95 26.18
CA PRO G 35 -9.08 -13.60 25.42
C PRO G 35 -7.82 -12.72 25.23
N VAL G 36 -6.66 -13.35 25.16
CA VAL G 36 -5.36 -12.68 24.91
C VAL G 36 -5.35 -12.32 23.42
N ASP G 37 -4.82 -11.13 23.06
CA ASP G 37 -4.49 -10.75 21.65
C ASP G 37 -2.98 -10.56 21.53
N PRO G 38 -2.23 -11.63 21.17
CA PRO G 38 -0.78 -11.57 21.06
C PRO G 38 -0.19 -10.48 20.14
N GLN G 39 -0.87 -10.13 19.04
CA GLN G 39 -0.39 -9.12 18.07
C GLN G 39 -0.37 -7.76 18.77
N LEU G 40 -1.42 -7.45 19.51
CA LEU G 40 -1.61 -6.16 20.21
C LEU G 40 -0.49 -6.00 21.25
N LEU G 41 -0.31 -7.06 22.03
CA LEU G 41 0.62 -7.15 23.19
C LEU G 41 2.08 -7.27 22.71
N GLY G 42 2.31 -7.70 21.46
CA GLY G 42 3.66 -7.80 20.87
C GLY G 42 4.38 -9.09 21.24
N ILE G 43 3.63 -10.19 21.36
CA ILE G 43 4.12 -11.55 21.76
C ILE G 43 3.66 -12.59 20.72
N PRO G 44 4.13 -12.52 19.44
CA PRO G 44 3.58 -13.36 18.37
C PRO G 44 3.69 -14.87 18.61
N ASP G 45 4.70 -15.30 19.39
CA ASP G 45 4.99 -16.73 19.73
C ASP G 45 3.86 -17.33 20.58
N TYR G 46 3.01 -16.51 21.23
CA TYR G 46 2.02 -16.96 22.24
C TYR G 46 1.21 -18.16 21.74
N PHE G 47 0.75 -18.13 20.48
CA PHE G 47 -0.22 -19.14 19.97
C PHE G 47 0.55 -20.37 19.48
N ASP G 48 1.84 -20.20 19.15
CA ASP G 48 2.80 -21.29 18.85
C ASP G 48 2.94 -22.20 20.09
N ILE G 49 2.73 -21.68 21.31
CA ILE G 49 3.00 -22.40 22.60
C ILE G 49 1.68 -22.77 23.28
N VAL G 50 0.69 -21.89 23.18
CA VAL G 50 -0.68 -22.12 23.75
C VAL G 50 -1.55 -22.59 22.59
N LYS G 51 -1.98 -23.84 22.64
CA LYS G 51 -2.67 -24.57 21.53
C LYS G 51 -4.17 -24.40 21.70
N ASN G 52 -4.61 -24.22 22.95
CA ASN G 52 -6.02 -24.29 23.42
C ASN G 52 -6.25 -23.16 24.41
N PRO G 53 -6.27 -21.88 23.91
CA PRO G 53 -6.34 -20.71 24.77
C PRO G 53 -7.67 -20.77 25.52
N MET G 54 -7.74 -20.11 26.67
CA MET G 54 -8.94 -20.06 27.53
C MET G 54 -8.82 -18.85 28.46
N ASP G 55 -9.99 -18.28 28.82
CA ASP G 55 -10.13 -17.05 29.62
C ASP G 55 -11.45 -17.10 30.37
N LEU G 56 -11.66 -16.18 31.31
CA LEU G 56 -12.90 -16.22 32.11
C LEU G 56 -14.12 -15.94 31.23
N SER G 57 -14.09 -14.97 30.30
CA SER G 57 -15.27 -14.64 29.44
C SER G 57 -15.77 -15.91 28.72
N THR G 58 -14.88 -16.65 28.04
CA THR G 58 -15.16 -17.95 27.37
C THR G 58 -15.79 -18.95 28.34
N ILE G 59 -15.39 -18.95 29.61
CA ILE G 59 -15.94 -19.94 30.58
C ILE G 59 -17.34 -19.47 30.94
N LYS G 60 -17.50 -18.22 31.35
CA LYS G 60 -18.81 -17.59 31.65
C LYS G 60 -19.81 -17.87 30.51
N ARG G 61 -19.48 -17.55 29.26
CA ARG G 61 -20.39 -17.86 28.12
C ARG G 61 -20.80 -19.36 28.20
N LYS G 62 -19.87 -20.27 28.48
CA LYS G 62 -20.17 -21.73 28.52
C LYS G 62 -21.07 -22.01 29.73
N LEU G 63 -20.76 -21.46 30.88
CA LEU G 63 -21.66 -21.66 32.05
C LEU G 63 -23.06 -21.08 31.77
N ASP G 64 -23.13 -19.85 31.23
CA ASP G 64 -24.41 -19.13 31.00
C ASP G 64 -25.29 -19.90 30.00
N THR G 65 -24.70 -20.37 28.91
CA THR G 65 -25.46 -21.07 27.83
C THR G 65 -25.52 -22.58 28.04
N GLY G 66 -25.20 -23.11 29.22
CA GLY G 66 -25.29 -24.55 29.46
C GLY G 66 -24.46 -25.41 28.51
N GLN G 67 -23.23 -25.03 28.23
CA GLN G 67 -22.37 -25.84 27.34
C GLN G 67 -21.64 -26.91 28.15
N TYR G 68 -21.77 -26.92 29.48
CA TYR G 68 -21.10 -27.98 30.27
C TYR G 68 -22.12 -28.98 30.79
N GLN G 69 -22.12 -30.20 30.28
CA GLN G 69 -23.03 -31.24 30.81
C GLN G 69 -22.60 -31.62 32.21
N GLU G 70 -21.29 -31.76 32.39
CA GLU G 70 -20.76 -32.21 33.69
C GLU G 70 -19.78 -31.16 34.17
N PRO G 71 -19.68 -30.98 35.49
CA PRO G 71 -18.80 -30.01 36.09
C PRO G 71 -17.32 -30.21 35.75
N TRP G 72 -16.86 -31.44 35.63
CA TRP G 72 -15.43 -31.70 35.33
C TRP G 72 -14.99 -30.91 34.11
N GLN G 73 -15.92 -30.72 33.18
CA GLN G 73 -15.69 -29.96 31.92
C GLN G 73 -15.41 -28.50 32.31
N TYR G 74 -16.08 -27.99 33.35
CA TYR G 74 -15.85 -26.63 33.89
C TYR G 74 -14.43 -26.56 34.44
N VAL G 75 -14.10 -27.49 35.35
CA VAL G 75 -12.81 -27.47 36.09
C VAL G 75 -11.69 -27.62 35.04
N ASP G 76 -11.84 -28.53 34.10
CA ASP G 76 -10.77 -28.70 33.07
C ASP G 76 -10.54 -27.36 32.34
N ASP G 77 -11.60 -26.58 32.09
CA ASP G 77 -11.53 -25.29 31.36
C ASP G 77 -10.80 -24.25 32.23
N VAL G 78 -11.14 -24.12 33.52
CA VAL G 78 -10.44 -23.21 34.46
C VAL G 78 -8.93 -23.52 34.50
N TRP G 79 -8.57 -24.79 34.74
CA TRP G 79 -7.17 -25.28 34.89
C TRP G 79 -6.41 -25.12 33.59
N LEU G 80 -7.09 -25.27 32.46
CA LEU G 80 -6.47 -25.07 31.12
C LEU G 80 -6.00 -23.61 31.01
N MET G 81 -6.72 -22.67 31.64
CA MET G 81 -6.39 -21.23 31.60
C MET G 81 -5.11 -21.00 32.41
N PHE G 82 -5.09 -21.55 33.64
CA PHE G 82 -3.95 -21.49 34.60
C PHE G 82 -2.71 -22.12 33.95
N ASN G 83 -2.79 -23.38 33.52
CA ASN G 83 -1.67 -24.10 32.85
C ASN G 83 -1.18 -23.31 31.64
N ASN G 84 -2.03 -22.51 30.98
CA ASN G 84 -1.57 -21.75 29.79
C ASN G 84 -0.60 -20.65 30.24
N ALA G 85 -0.91 -19.98 31.34
CA ALA G 85 -0.16 -18.80 31.81
C ALA G 85 1.15 -19.27 32.45
N TRP G 86 1.10 -20.36 33.23
CA TRP G 86 2.28 -21.08 33.79
C TRP G 86 3.21 -21.55 32.66
N LEU G 87 2.70 -22.10 31.58
CA LEU G 87 3.54 -22.59 30.46
C LEU G 87 4.16 -21.41 29.67
N TYR G 88 3.45 -20.30 29.43
CA TYR G 88 3.95 -19.25 28.49
C TYR G 88 4.90 -18.29 29.22
N ASN G 89 4.60 -17.95 30.47
CA ASN G 89 5.20 -16.82 31.21
C ASN G 89 6.33 -17.31 32.16
N ARG G 90 7.29 -16.42 32.42
CA ARG G 90 8.41 -16.65 33.36
C ARG G 90 7.89 -16.62 34.79
N LYS G 91 8.65 -17.17 35.72
CA LYS G 91 8.23 -17.21 37.15
C LYS G 91 8.17 -15.80 37.75
N THR G 92 9.01 -14.89 37.26
CA THR G 92 9.10 -13.49 37.71
C THR G 92 8.03 -12.61 37.03
N SER G 93 7.30 -13.16 36.07
CA SER G 93 6.21 -12.47 35.34
C SER G 93 5.11 -12.02 36.30
N ARG G 94 4.50 -10.88 36.04
CA ARG G 94 3.33 -10.43 36.83
C ARG G 94 2.15 -11.36 36.57
N VAL G 95 2.03 -11.86 35.35
CA VAL G 95 0.93 -12.77 34.95
C VAL G 95 1.03 -14.10 35.69
N TYR G 96 2.22 -14.70 35.74
CA TYR G 96 2.45 -15.99 36.41
C TYR G 96 2.09 -15.86 37.88
N LYS G 97 2.50 -14.76 38.51
CA LYS G 97 2.16 -14.59 39.94
C LYS G 97 0.65 -14.49 40.06
N PHE G 98 0.01 -13.74 39.18
CA PHE G 98 -1.45 -13.54 39.19
C PHE G 98 -2.13 -14.88 38.98
N CYS G 99 -1.61 -15.67 38.06
CA CYS G 99 -2.18 -17.00 37.75
C CYS G 99 -2.13 -17.87 38.99
N SER G 100 -1.03 -17.83 39.74
CA SER G 100 -0.86 -18.61 40.98
C SER G 100 -1.87 -18.17 42.03
N LYS G 101 -2.05 -16.88 42.18
CA LYS G 101 -3.04 -16.39 43.17
C LYS G 101 -4.43 -16.84 42.76
N LEU G 102 -4.77 -16.76 41.47
CA LEU G 102 -6.13 -17.18 41.04
C LEU G 102 -6.31 -18.67 41.30
N ALA G 103 -5.30 -19.46 40.95
CA ALA G 103 -5.32 -20.92 41.10
C ALA G 103 -5.46 -21.28 42.57
N GLU G 104 -4.76 -20.57 43.43
CA GLU G 104 -4.85 -20.91 44.87
C GLU G 104 -6.30 -20.73 45.31
N VAL G 105 -6.88 -19.60 44.96
CA VAL G 105 -8.28 -19.25 45.33
C VAL G 105 -9.23 -20.28 44.73
N PHE G 106 -9.01 -20.66 43.49
CA PHE G 106 -9.93 -21.61 42.83
C PHE G 106 -9.91 -22.93 43.56
N GLU G 107 -8.74 -23.45 43.93
CA GLU G 107 -8.60 -24.78 44.59
C GLU G 107 -9.37 -24.79 45.91
N GLN G 108 -9.39 -23.69 46.66
CA GLN G 108 -10.12 -23.61 47.94
C GLN G 108 -11.63 -23.39 47.78
N GLU G 109 -12.10 -23.12 46.56
CA GLU G 109 -13.55 -22.82 46.39
C GLU G 109 -14.25 -23.95 45.66
N ILE G 110 -13.56 -24.55 44.72
CA ILE G 110 -14.21 -25.58 43.87
C ILE G 110 -14.22 -26.93 44.59
N ASP G 111 -13.46 -27.07 45.67
CA ASP G 111 -13.36 -28.37 46.37
C ASP G 111 -14.70 -28.78 46.97
N PRO G 112 -15.38 -27.91 47.73
CA PRO G 112 -16.64 -28.28 48.31
C PRO G 112 -17.68 -28.42 47.20
N VAL G 113 -17.64 -27.48 46.27
CA VAL G 113 -18.69 -27.37 45.22
C VAL G 113 -18.74 -28.66 44.41
N MET G 114 -17.59 -29.18 44.01
CA MET G 114 -17.55 -30.43 43.21
C MET G 114 -18.07 -31.58 44.09
N GLN G 115 -17.73 -31.57 45.38
CA GLN G 115 -18.22 -32.58 46.35
C GLN G 115 -19.74 -32.44 46.49
N SER G 116 -20.26 -31.22 46.43
CA SER G 116 -21.71 -30.94 46.56
C SER G 116 -22.53 -31.53 45.41
N LEU G 117 -21.96 -31.74 44.24
CA LEU G 117 -22.81 -32.20 43.11
C LEU G 117 -22.77 -33.73 42.98
N ILE H 5 5.03 -21.86 6.90
CA ILE H 5 5.11 -20.65 7.80
C ILE H 5 4.27 -19.51 7.21
N PHE H 6 3.36 -18.93 8.02
CA PHE H 6 2.37 -17.89 7.62
C PHE H 6 2.21 -16.85 8.74
N LYS H 7 2.49 -15.58 8.42
CA LYS H 7 2.37 -14.43 9.37
C LYS H 7 0.88 -14.12 9.54
N PRO H 8 0.38 -13.78 10.76
CA PRO H 8 -1.06 -13.52 10.97
C PRO H 8 -1.69 -12.45 10.06
N GLU H 9 -0.95 -11.39 9.72
CA GLU H 9 -1.40 -10.25 8.85
C GLU H 9 -1.60 -10.74 7.41
N GLU H 10 -0.75 -11.65 6.93
CA GLU H 10 -0.78 -12.20 5.55
C GLU H 10 -1.93 -13.19 5.43
N LEU H 11 -2.32 -13.86 6.52
CA LEU H 11 -3.46 -14.82 6.54
C LEU H 11 -4.77 -14.05 6.51
N ARG H 12 -4.90 -13.06 7.40
CA ARG H 12 -6.11 -12.22 7.49
C ARG H 12 -6.40 -11.65 6.10
N GLN H 13 -5.38 -11.00 5.55
CA GLN H 13 -5.48 -10.22 4.28
C GLN H 13 -6.13 -11.10 3.21
N ALA H 14 -5.84 -12.40 3.26
CA ALA H 14 -6.13 -13.38 2.20
C ALA H 14 -7.44 -14.13 2.49
N LEU H 15 -7.68 -14.49 3.75
CA LEU H 15 -8.82 -15.35 4.19
C LEU H 15 -10.05 -14.51 4.57
N MET H 16 -9.84 -13.30 5.10
CA MET H 16 -10.95 -12.45 5.60
C MET H 16 -11.95 -12.17 4.46
N PRO H 17 -11.52 -11.82 3.22
CA PRO H 17 -12.47 -11.59 2.12
C PRO H 17 -13.41 -12.78 1.89
N THR H 18 -12.94 -14.00 2.19
CA THR H 18 -13.68 -15.27 2.00
C THR H 18 -14.70 -15.45 3.12
N LEU H 19 -14.38 -14.91 4.30
CA LEU H 19 -15.33 -14.87 5.44
C LEU H 19 -16.34 -13.72 5.23
N GLU H 20 -15.88 -12.56 4.73
CA GLU H 20 -16.76 -11.40 4.39
C GLU H 20 -17.85 -11.95 3.46
N ALA H 21 -17.46 -12.80 2.51
CA ALA H 21 -18.36 -13.49 1.55
C ALA H 21 -19.49 -14.23 2.29
N LEU H 22 -19.21 -14.83 3.44
CA LEU H 22 -20.30 -15.49 4.21
C LEU H 22 -21.17 -14.41 4.87
N TYR H 23 -20.57 -13.36 5.45
CA TYR H 23 -21.27 -12.25 6.16
C TYR H 23 -22.22 -11.56 5.16
N ARG H 24 -21.72 -11.28 3.95
CA ARG H 24 -22.43 -10.55 2.86
C ARG H 24 -23.81 -11.18 2.58
N GLN H 25 -24.01 -12.48 2.82
CA GLN H 25 -25.25 -13.24 2.48
C GLN H 25 -26.35 -12.96 3.49
N ASP H 26 -27.31 -12.10 3.14
CA ASP H 26 -28.42 -11.66 4.02
C ASP H 26 -29.72 -12.13 3.39
N PRO H 27 -30.64 -12.84 4.09
CA PRO H 27 -30.54 -13.13 5.52
C PRO H 27 -29.89 -14.47 5.94
N GLU H 28 -29.22 -15.17 5.03
CA GLU H 28 -28.82 -16.59 5.23
C GLU H 28 -27.72 -16.68 6.32
N SER H 29 -26.81 -15.71 6.36
CA SER H 29 -25.66 -15.67 7.30
C SER H 29 -26.07 -15.25 8.72
N LEU H 30 -27.26 -14.68 8.92
CA LEU H 30 -27.58 -13.97 10.20
C LEU H 30 -27.55 -14.94 11.38
N PRO H 31 -28.10 -16.17 11.32
CA PRO H 31 -28.17 -17.02 12.52
C PRO H 31 -26.82 -17.63 12.95
N PHE H 32 -25.84 -17.65 12.05
CA PHE H 32 -24.45 -18.15 12.24
C PHE H 32 -23.49 -17.02 12.71
N ARG H 33 -23.98 -15.78 12.82
CA ARG H 33 -23.13 -14.60 13.13
C ARG H 33 -22.74 -14.60 14.63
N GLN H 34 -23.37 -15.43 15.46
CA GLN H 34 -23.08 -15.45 16.92
C GLN H 34 -23.34 -16.85 17.47
N PRO H 35 -22.66 -17.25 18.57
CA PRO H 35 -22.86 -18.57 19.13
C PRO H 35 -24.36 -18.77 19.36
N VAL H 36 -24.87 -19.96 19.04
CA VAL H 36 -26.23 -20.42 19.43
C VAL H 36 -26.34 -20.38 20.94
N ASP H 37 -27.47 -19.89 21.47
CA ASP H 37 -27.90 -20.09 22.88
C ASP H 37 -29.08 -21.03 22.86
N PRO H 38 -28.85 -22.35 23.08
CA PRO H 38 -29.92 -23.35 23.19
C PRO H 38 -30.99 -23.09 24.26
N GLN H 39 -30.59 -22.58 25.42
CA GLN H 39 -31.54 -22.24 26.52
C GLN H 39 -32.66 -21.37 25.93
N LEU H 40 -32.28 -20.32 25.22
CA LEU H 40 -33.13 -19.18 24.76
C LEU H 40 -34.05 -19.62 23.62
N LEU H 41 -33.49 -20.33 22.62
CA LEU H 41 -34.23 -20.89 21.47
C LEU H 41 -35.12 -22.07 21.87
N GLY H 42 -35.08 -22.53 23.13
CA GLY H 42 -35.88 -23.65 23.65
C GLY H 42 -35.59 -24.98 22.96
N ILE H 43 -34.33 -25.18 22.53
CA ILE H 43 -33.81 -26.48 21.99
C ILE H 43 -32.64 -26.93 22.88
N PRO H 44 -32.92 -27.40 24.13
CA PRO H 44 -31.86 -27.72 25.09
C PRO H 44 -30.89 -28.85 24.67
N ASP H 45 -31.32 -29.69 23.73
CA ASP H 45 -30.60 -30.87 23.19
C ASP H 45 -29.47 -30.46 22.23
N TYR H 46 -29.23 -29.15 21.99
CA TYR H 46 -28.29 -28.70 20.92
C TYR H 46 -26.86 -29.12 21.29
N PHE H 47 -26.52 -29.21 22.58
CA PHE H 47 -25.11 -29.45 23.01
C PHE H 47 -24.84 -30.97 23.07
N ASP H 48 -25.83 -31.78 23.49
CA ASP H 48 -25.85 -33.26 23.34
C ASP H 48 -25.45 -33.67 21.92
N ILE H 49 -25.99 -33.02 20.88
CA ILE H 49 -25.72 -33.39 19.45
C ILE H 49 -24.43 -32.74 18.97
N VAL H 50 -24.23 -31.43 19.21
CA VAL H 50 -23.03 -30.68 18.74
C VAL H 50 -22.08 -30.51 19.95
N LYS H 51 -20.83 -30.92 19.78
CA LYS H 51 -19.83 -30.96 20.89
C LYS H 51 -18.65 -30.04 20.55
N ASN H 52 -18.59 -29.53 19.30
CA ASN H 52 -17.59 -28.52 18.86
C ASN H 52 -18.27 -27.31 18.19
N PRO H 53 -19.08 -26.52 18.94
CA PRO H 53 -19.76 -25.34 18.38
C PRO H 53 -18.78 -24.38 17.73
N MET H 54 -19.02 -24.02 16.50
CA MET H 54 -18.33 -22.92 15.80
C MET H 54 -19.41 -22.00 15.20
N ASP H 55 -19.12 -20.71 15.09
CA ASP H 55 -19.96 -19.62 14.54
C ASP H 55 -19.00 -18.59 13.97
N LEU H 56 -19.49 -17.61 13.22
CA LEU H 56 -18.60 -16.73 12.42
C LEU H 56 -17.86 -15.76 13.32
N SER H 57 -18.38 -15.40 14.49
CA SER H 57 -17.72 -14.39 15.37
C SER H 57 -16.40 -14.99 15.87
N THR H 58 -16.49 -16.23 16.40
CA THR H 58 -15.32 -17.09 16.80
C THR H 58 -14.31 -17.16 15.64
N ILE H 59 -14.78 -17.45 14.43
CA ILE H 59 -13.85 -17.65 13.27
C ILE H 59 -13.11 -16.35 13.07
N LYS H 60 -13.86 -15.24 13.06
CA LYS H 60 -13.35 -13.89 12.71
C LYS H 60 -12.37 -13.45 13.80
N ARG H 61 -12.75 -13.58 15.08
CA ARG H 61 -11.82 -13.27 16.18
C ARG H 61 -10.47 -13.98 15.93
N LYS H 62 -10.50 -15.30 15.72
CA LYS H 62 -9.26 -16.10 15.54
C LYS H 62 -8.49 -15.53 14.34
N LEU H 63 -9.18 -15.21 13.26
CA LEU H 63 -8.54 -14.59 12.08
C LEU H 63 -7.95 -13.19 12.40
N ASP H 64 -8.47 -12.46 13.40
CA ASP H 64 -7.98 -11.11 13.79
C ASP H 64 -6.79 -11.21 14.75
N THR H 65 -6.91 -12.06 15.78
CA THR H 65 -5.86 -12.30 16.81
C THR H 65 -4.68 -13.12 16.24
N GLY H 66 -4.85 -13.84 15.12
CA GLY H 66 -3.77 -14.61 14.48
C GLY H 66 -3.61 -15.99 15.10
N GLN H 67 -4.69 -16.51 15.68
CA GLN H 67 -4.78 -17.81 16.38
C GLN H 67 -4.69 -18.96 15.35
N TYR H 68 -4.89 -18.66 14.07
CA TYR H 68 -4.76 -19.65 12.97
C TYR H 68 -3.31 -19.65 12.47
N GLN H 69 -2.55 -20.68 12.86
CA GLN H 69 -1.13 -20.90 12.48
C GLN H 69 -1.04 -21.12 10.96
N GLU H 70 -1.91 -21.97 10.38
CA GLU H 70 -1.90 -22.32 8.92
C GLU H 70 -3.28 -22.04 8.32
N PRO H 71 -3.37 -21.72 7.01
CA PRO H 71 -4.65 -21.47 6.35
C PRO H 71 -5.70 -22.59 6.53
N TRP H 72 -5.24 -23.84 6.57
CA TRP H 72 -6.10 -25.05 6.67
C TRP H 72 -6.86 -25.07 7.99
N GLN H 73 -6.34 -24.46 9.06
CA GLN H 73 -6.99 -24.46 10.41
C GLN H 73 -8.29 -23.64 10.31
N TYR H 74 -8.26 -22.57 9.50
CA TYR H 74 -9.39 -21.66 9.25
C TYR H 74 -10.47 -22.44 8.50
N VAL H 75 -10.09 -22.99 7.36
CA VAL H 75 -10.99 -23.80 6.51
C VAL H 75 -11.69 -24.85 7.35
N ASP H 76 -10.97 -25.47 8.28
CA ASP H 76 -11.57 -26.54 9.10
C ASP H 76 -12.70 -25.96 9.95
N ASP H 77 -12.48 -24.78 10.51
CA ASP H 77 -13.50 -24.10 11.35
C ASP H 77 -14.72 -23.74 10.50
N VAL H 78 -14.48 -23.27 9.28
CA VAL H 78 -15.61 -22.87 8.40
C VAL H 78 -16.46 -24.11 8.15
N TRP H 79 -15.82 -25.23 7.84
CA TRP H 79 -16.51 -26.51 7.59
C TRP H 79 -17.12 -27.05 8.87
N LEU H 80 -16.44 -26.85 9.99
CA LEU H 80 -17.00 -27.33 11.27
C LEU H 80 -18.32 -26.62 11.52
N MET H 81 -18.39 -25.31 11.28
CA MET H 81 -19.65 -24.57 11.51
C MET H 81 -20.73 -25.15 10.60
N PHE H 82 -20.43 -25.33 9.32
CA PHE H 82 -21.42 -25.84 8.36
C PHE H 82 -21.85 -27.24 8.75
N ASN H 83 -20.89 -28.10 9.05
CA ASN H 83 -21.18 -29.51 9.38
C ASN H 83 -22.09 -29.58 10.59
N ASN H 84 -21.90 -28.74 11.60
CA ASN H 84 -22.82 -28.82 12.75
C ASN H 84 -24.24 -28.48 12.31
N ALA H 85 -24.40 -27.47 11.46
CA ALA H 85 -25.75 -27.06 11.04
C ALA H 85 -26.42 -28.22 10.31
N TRP H 86 -25.69 -28.87 9.42
CA TRP H 86 -26.18 -30.05 8.68
C TRP H 86 -26.48 -31.19 9.65
N LEU H 87 -25.62 -31.41 10.63
CA LEU H 87 -25.86 -32.54 11.55
C LEU H 87 -27.08 -32.25 12.40
N TYR H 88 -27.18 -31.03 12.90
CA TYR H 88 -28.30 -30.70 13.83
C TYR H 88 -29.67 -30.56 13.19
N ASN H 89 -29.71 -30.00 11.99
CA ASN H 89 -31.03 -29.61 11.41
C ASN H 89 -31.46 -30.54 10.27
N ARG H 90 -32.77 -30.75 10.15
CA ARG H 90 -33.37 -31.56 9.07
C ARG H 90 -33.16 -30.82 7.76
N LYS H 91 -33.14 -31.55 6.65
CA LYS H 91 -32.94 -30.91 5.32
C LYS H 91 -34.05 -29.90 5.01
N THR H 92 -35.28 -30.16 5.46
CA THR H 92 -36.49 -29.32 5.35
C THR H 92 -36.34 -28.00 6.12
N SER H 93 -35.54 -27.99 7.18
CA SER H 93 -35.39 -26.80 8.06
C SER H 93 -34.74 -25.63 7.33
N ARG H 94 -35.15 -24.42 7.72
CA ARG H 94 -34.62 -23.15 7.17
C ARG H 94 -33.14 -23.02 7.48
N VAL H 95 -32.73 -23.46 8.66
CA VAL H 95 -31.29 -23.34 9.05
C VAL H 95 -30.43 -24.17 8.10
N TYR H 96 -30.89 -25.36 7.76
CA TYR H 96 -30.09 -26.26 6.91
C TYR H 96 -29.84 -25.63 5.55
N LYS H 97 -30.88 -25.06 4.96
CA LYS H 97 -30.85 -24.46 3.60
C LYS H 97 -29.92 -23.26 3.58
N PHE H 98 -30.01 -22.45 4.62
CA PHE H 98 -29.10 -21.29 4.85
C PHE H 98 -27.68 -21.82 4.80
N CYS H 99 -27.43 -22.82 5.62
CA CYS H 99 -26.09 -23.43 5.68
C CYS H 99 -25.66 -23.88 4.30
N SER H 100 -26.55 -24.54 3.57
CA SER H 100 -26.22 -25.01 2.20
C SER H 100 -25.87 -23.83 1.32
N LYS H 101 -26.60 -22.72 1.42
CA LYS H 101 -26.27 -21.54 0.60
C LYS H 101 -24.89 -20.99 1.00
N LEU H 102 -24.58 -20.95 2.28
CA LEU H 102 -23.25 -20.41 2.68
C LEU H 102 -22.12 -21.30 2.14
N ALA H 103 -22.27 -22.62 2.27
CA ALA H 103 -21.21 -23.56 1.85
C ALA H 103 -20.94 -23.42 0.35
N GLU H 104 -22.02 -23.28 -0.41
CA GLU H 104 -21.92 -23.13 -1.87
C GLU H 104 -21.08 -21.91 -2.17
N VAL H 105 -21.34 -20.78 -1.48
CA VAL H 105 -20.57 -19.52 -1.70
C VAL H 105 -19.14 -19.72 -1.21
N PHE H 106 -19.00 -20.44 -0.12
CA PHE H 106 -17.65 -20.61 0.45
C PHE H 106 -16.74 -21.31 -0.56
N GLU H 107 -17.25 -22.36 -1.20
CA GLU H 107 -16.45 -23.13 -2.19
C GLU H 107 -16.06 -22.22 -3.35
N GLN H 108 -16.93 -21.33 -3.79
CA GLN H 108 -16.57 -20.45 -4.92
C GLN H 108 -15.38 -19.57 -4.60
N GLU H 109 -15.25 -19.10 -3.35
CA GLU H 109 -14.17 -18.16 -3.00
C GLU H 109 -12.92 -18.88 -2.49
N ILE H 110 -13.07 -20.03 -1.86
CA ILE H 110 -11.88 -20.61 -1.15
C ILE H 110 -10.90 -21.23 -2.15
N ASP H 111 -11.39 -21.95 -3.17
CA ASP H 111 -10.52 -22.70 -4.11
C ASP H 111 -9.46 -21.76 -4.65
N PRO H 112 -9.82 -20.69 -5.40
CA PRO H 112 -8.84 -19.75 -5.96
C PRO H 112 -7.91 -19.07 -4.95
N VAL H 113 -8.37 -18.85 -3.71
CA VAL H 113 -7.58 -18.19 -2.61
C VAL H 113 -6.48 -19.17 -2.16
N MET H 114 -6.84 -20.44 -1.90
CA MET H 114 -5.87 -21.51 -1.51
C MET H 114 -4.89 -21.81 -2.66
N GLN H 115 -5.31 -21.64 -3.91
CA GLN H 115 -4.46 -21.85 -5.12
C GLN H 115 -3.28 -20.86 -5.10
N SER H 116 -3.49 -19.60 -4.74
CA SER H 116 -2.46 -18.53 -4.76
C SER H 116 -1.61 -18.55 -3.47
N LEU H 117 -1.89 -19.47 -2.54
CA LEU H 117 -1.14 -19.70 -1.27
C LEU H 117 -0.71 -21.18 -1.21
C1 YF2 I . 0.72 0.87 -27.02
C2 YF2 I . 0.78 2.23 -27.75
C3 YF2 I . -0.50 3.03 -27.45
C4 YF2 I . -0.92 4.07 -28.24
C5 YF2 I . -2.07 4.76 -27.91
C6 YF2 I . -2.77 4.42 -26.77
C7 YF2 I . -2.29 3.37 -26.02
N1 YF2 I . -1.17 2.69 -26.33
C8 YF2 I . 0.90 2.01 -29.27
N2 YF2 I . 1.48 3.00 -29.97
C9 YF2 I . 1.59 2.85 -31.30
C10 YF2 I . 1.16 1.74 -31.98
C11 YF2 I . 0.57 0.73 -31.26
C12 YF2 I . 0.43 0.87 -29.89
N3 YF2 I . 1.94 2.93 -27.20
C13 YF2 I . 3.23 2.44 -27.24
C14 YF2 I . 3.74 1.28 -27.80
C15 YF2 I . 5.12 1.05 -27.74
C16 YF2 I . 5.69 -0.18 -28.28
C17 YF2 I . 6.92 -0.28 -28.87
N4 YF2 I . 7.18 -1.59 -29.20
C18 YF2 I . 8.39 -2.07 -29.87
C19 YF2 I . 6.10 -2.36 -28.82
C20 YF2 I . 5.14 -1.52 -28.23
C21 YF2 I . 3.95 -2.04 -27.75
C22 YF2 I . 3.71 -3.36 -27.88
N5 YF2 I . 4.66 -4.18 -28.41
C23 YF2 I . 5.88 -3.76 -28.94
O1 YF2 I . 6.66 -4.60 -29.41
C24 YF2 I . 5.95 1.93 -27.06
C25 YF2 I . 5.44 3.11 -26.50
N6 YF2 I . 6.35 3.99 -25.89
S1 YF2 I . 6.63 3.93 -24.31
O2 YF2 I . 5.53 4.61 -23.73
C26 YF2 I . 8.11 4.88 -24.00
C27 YF2 I . 8.38 5.12 -22.50
O3 YF2 I . 6.89 2.58 -23.93
C28 YF2 I . 4.07 3.38 -26.60
C29 YF2 I . 3.21 4.43 -26.17
C30 YF2 I . 1.96 4.15 -26.56
C1 YF2 J . 37.67 16.43 -18.01
C2 YF2 J . 37.30 14.92 -18.12
C3 YF2 J . 37.16 14.36 -16.71
C4 YF2 J . 36.18 14.82 -15.86
C5 YF2 J . 36.06 14.27 -14.60
C6 YF2 J . 36.91 13.26 -14.24
C7 YF2 J . 37.85 12.84 -15.14
N1 YF2 J . 37.98 13.37 -16.37
C8 YF2 J . 38.38 14.22 -18.97
N2 YF2 J . 38.31 14.41 -20.30
C9 YF2 J . 39.21 13.79 -21.08
C10 YF2 J . 40.20 12.95 -20.60
C11 YF2 J . 40.28 12.74 -19.24
C12 YF2 J . 39.36 13.38 -18.41
N3 YF2 J . 35.97 14.75 -18.75
C13 YF2 J . 35.29 13.54 -18.97
C14 YF2 J . 35.63 12.21 -18.72
C15 YF2 J . 34.73 11.19 -19.08
C16 YF2 J . 35.02 9.77 -18.89
C17 YF2 J . 34.18 8.80 -18.40
N4 YF2 J . 34.79 7.57 -18.42
C18 YF2 J . 34.21 6.31 -17.96
C19 YF2 J . 36.06 7.73 -18.93
C20 YF2 J . 36.25 9.08 -19.25
C21 YF2 J . 37.46 9.52 -19.78
C22 YF2 J . 38.45 8.64 -19.96
N5 YF2 J . 38.27 7.34 -19.63
C23 YF2 J . 37.10 6.79 -19.13
O1 YF2 J . 37.03 5.59 -18.90
C24 YF2 J . 33.51 11.52 -19.68
C25 YF2 J . 33.18 12.84 -19.93
N6 YF2 J . 31.97 13.13 -20.54
S1 YF2 J . 31.17 12.34 -21.71
O2 YF2 J . 32.02 11.30 -22.19
C26 YF2 J . 29.81 11.62 -20.88
C27 YF2 J . 30.23 10.76 -19.69
O3 YF2 J . 30.71 13.30 -22.65
C28 YF2 J . 34.08 13.87 -19.58
C29 YF2 J . 34.04 15.28 -19.71
C30 YF2 J . 35.19 15.76 -19.22
C1 YF2 K . 36.14 20.34 -22.61
C2 YF2 K . 36.01 19.32 -23.77
C3 YF2 K . 37.22 18.37 -23.83
C4 YF2 K . 37.61 17.77 -25.02
C5 YF2 K . 38.68 16.88 -25.03
C6 YF2 K . 39.30 16.59 -23.83
C7 YF2 K . 38.84 17.21 -22.68
N1 YF2 K . 37.81 18.08 -22.66
C8 YF2 K . 35.89 20.00 -25.13
N2 YF2 K . 35.40 19.24 -26.11
C9 YF2 K . 35.32 19.76 -27.34
C10 YF2 K . 35.68 21.05 -27.64
C11 YF2 K . 36.20 21.83 -26.62
C12 YF2 K . 36.31 21.30 -25.35
N3 YF2 K . 34.84 18.52 -23.53
C13 YF2 K . 33.55 18.97 -23.55
C14 YF2 K . 33.00 20.21 -23.82
C15 YF2 K . 31.62 20.37 -23.77
C16 YF2 K . 31.02 21.68 -24.05
C17 YF2 K . 29.86 21.88 -24.73
N4 YF2 K . 29.55 23.21 -24.76
C18 YF2 K . 28.40 23.79 -25.45
C19 YF2 K . 30.56 23.90 -24.11
C20 YF2 K . 31.50 22.97 -23.63
C21 YF2 K . 32.62 23.41 -22.93
C22 YF2 K . 32.82 24.73 -22.73
N5 YF2 K . 31.90 25.61 -23.18
C23 YF2 K . 30.73 25.29 -23.88
O1 YF2 K . 29.96 26.17 -24.25
C24 YF2 K . 30.79 19.31 -23.41
C25 YF2 K . 31.33 18.06 -23.15
N6 YF2 K . 30.50 16.99 -22.81
S1 YF2 K . 29.61 16.78 -21.49
O2 YF2 K . 29.35 18.05 -20.89
C26 YF2 K . 28.08 16.21 -22.17
C27 YF2 K . 27.83 17.01 -23.48
O3 YF2 K . 30.24 15.80 -20.70
C28 YF2 K . 32.72 17.87 -23.21
C29 YF2 K . 33.59 16.75 -23.00
C30 YF2 K . 34.85 17.18 -23.23
C1 YF2 L . -1.26 5.58 -19.61
C2 YF2 L . -1.17 5.26 -21.11
C3 YF2 L . -2.07 6.20 -21.97
C4 YF2 L . -3.04 7.01 -21.41
C5 YF2 L . -3.80 7.84 -22.23
C6 YF2 L . -3.55 7.83 -23.60
C7 YF2 L . -2.56 7.00 -24.08
N1 YF2 L . -1.82 6.20 -23.29
C8 YF2 L . -1.73 3.86 -21.39
N2 YF2 L . -2.83 3.79 -22.16
C9 YF2 L . -3.36 2.57 -22.43
C10 YF2 L . -2.84 1.39 -21.94
C11 YF2 L . -1.71 1.46 -21.15
C12 YF2 L . -1.15 2.70 -20.87
N3 YF2 L . 0.22 5.45 -21.56
C13 YF2 L . 0.94 6.65 -21.47
C14 YF2 L . 0.60 7.87 -20.90
C15 YF2 L . 1.52 8.91 -20.94
C16 YF2 L . 1.17 10.23 -20.38
C17 YF2 L . 1.98 11.05 -19.62
N4 YF2 L . 1.34 12.21 -19.32
C18 YF2 L . 1.89 13.29 -18.50
C19 YF2 L . 0.07 12.18 -19.86
C20 YF2 L . -0.08 10.96 -20.55
C21 YF2 L . -1.29 10.67 -21.18
C22 YF2 L . -2.30 11.54 -21.13
N5 YF2 L . -2.14 12.71 -20.47
C23 YF2 L . -0.98 13.11 -19.81
O1 YF2 L . -0.96 14.23 -19.26
C24 YF2 L . 2.76 8.72 -21.52
C25 YF2 L . 3.11 7.50 -22.08
N6 YF2 L . 4.36 7.34 -22.70
S1 YF2 L . 5.39 8.42 -23.39
O2 YF2 L . 6.10 7.73 -24.42
C26 YF2 L . 6.58 8.83 -22.14
C27 YF2 L . 6.01 9.23 -20.80
O3 YF2 L . 4.68 9.60 -23.75
C28 YF2 L . 2.19 6.45 -22.06
C29 YF2 L . 2.21 5.10 -22.54
C30 YF2 L . 1.00 4.55 -22.25
C1 YF2 M . -37.80 -17.24 20.81
C2 YF2 M . -37.65 -15.72 21.04
C3 YF2 M . -38.08 -15.47 22.50
C4 YF2 M . -37.37 -16.03 23.54
C5 YF2 M . -37.82 -15.84 24.84
C6 YF2 M . -38.95 -15.08 25.04
C7 YF2 M . -39.59 -14.56 23.95
N1 YF2 M . -39.18 -14.74 22.68
C8 YF2 M . -38.63 -15.03 20.07
N2 YF2 M . -39.94 -15.25 20.27
C9 YF2 M . -40.83 -14.69 19.42
C10 YF2 M . -40.47 -13.93 18.33
C11 YF2 M . -39.13 -13.71 18.11
C12 YF2 M . -38.19 -14.27 18.97
N3 YF2 M . -36.23 -15.35 20.86
C13 YF2 M . -35.57 -14.14 21.16
C14 YF2 M . -36.00 -12.94 21.72
C15 YF2 M . -35.09 -11.89 21.87
C16 YF2 M . -35.51 -10.59 22.42
C17 YF2 M . -34.86 -9.85 23.37
N4 YF2 M . -35.55 -8.67 23.61
C18 YF2 M . -35.16 -7.64 24.58
C19 YF2 M . -36.67 -8.65 22.80
C20 YF2 M . -36.68 -9.83 22.03
C21 YF2 M . -37.71 -10.06 21.10
C22 YF2 M . -38.70 -9.16 20.96
N5 YF2 M . -38.69 -8.02 21.72
C23 YF2 M . -37.70 -7.68 22.66
O1 YF2 M . -37.80 -6.62 23.29
C24 YF2 M . -33.77 -12.02 21.45
C25 YF2 M . -33.34 -13.21 20.91
N6 YF2 M . -32.01 -13.38 20.53
S1 YF2 M . -31.01 -12.41 19.74
O2 YF2 M . -30.52 -13.08 18.59
C26 YF2 M . -29.73 -12.19 20.95
C27 YF2 M . -30.35 -11.83 22.30
O3 YF2 M . -31.69 -11.16 19.53
C28 YF2 M . -34.24 -14.29 20.75
C29 YF2 M . -34.10 -15.59 20.21
C30 YF2 M . -35.32 -16.19 20.27
C1 YF2 N . 0.76 -1.97 25.15
C2 YF2 N . -0.49 -1.06 25.03
C3 YF2 N . -0.38 -0.41 23.64
C4 YF2 N . -0.66 -1.14 22.51
C5 YF2 N . -0.52 -0.55 21.27
C6 YF2 N . -0.11 0.75 21.20
C7 YF2 N . 0.15 1.42 22.37
N1 YF2 N . 0.02 0.86 23.59
C8 YF2 N . -0.47 -0.03 26.19
N2 YF2 N . -0.14 -0.51 27.40
C9 YF2 N . -0.10 0.36 28.45
C10 YF2 N . -0.36 1.70 28.34
C11 YF2 N . -0.69 2.21 27.10
C12 YF2 N . -0.75 1.33 26.01
N3 YF2 N . -1.70 -1.85 25.06
C13 YF2 N . -3.01 -1.40 24.84
C14 YF2 N . -3.53 -0.15 24.52
C15 YF2 N . -4.91 0.00 24.33
C16 YF2 N . -5.50 1.32 24.02
C17 YF2 N . -6.59 1.55 23.21
N4 YF2 N . -6.91 2.89 23.22
C18 YF2 N . -8.01 3.50 22.46
C19 YF2 N . -6.02 3.56 24.02
C20 YF2 N . -5.13 2.61 24.55
C21 YF2 N . -4.11 3.04 25.42
C22 YF2 N . -4.00 4.34 25.73
N5 YF2 N . -4.88 5.25 25.22
C23 YF2 N . -5.92 4.94 24.35
O1 YF2 N . -6.66 5.84 23.95
C24 YF2 N . -5.76 -1.09 24.54
C25 YF2 N . -5.24 -2.34 24.86
N6 YF2 N . -6.05 -3.45 25.06
S1 YF2 N . -7.31 -3.68 26.04
O2 YF2 N . -7.69 -2.39 26.52
C26 YF2 N . -8.54 -4.25 24.91
C27 YF2 N . -8.44 -3.49 23.58
O3 YF2 N . -7.00 -4.69 26.99
C28 YF2 N . -3.85 -2.51 25.02
C29 YF2 N . -3.03 -3.64 25.33
C30 YF2 N . -1.76 -3.20 25.36
C1 YF2 O . 1.04 -6.35 29.30
C2 YF2 O . -0.09 -5.83 30.21
C3 YF2 O . 0.14 -4.35 30.56
C4 YF2 O . -0.49 -3.73 31.64
C5 YF2 O . -0.24 -2.40 31.91
C6 YF2 O . 0.62 -1.70 31.09
C7 YF2 O . 1.20 -2.37 30.03
N1 YF2 O . 0.97 -3.67 29.76
C8 YF2 O . -0.18 -6.57 31.55
N2 YF2 O . -1.30 -6.33 32.26
C9 YF2 O . -1.43 -6.93 33.46
C10 YF2 O . -0.48 -7.80 33.96
C11 YF2 O . 0.67 -8.03 33.22
C12 YF2 O . 0.83 -7.41 32.00
N3 YF2 O . -1.35 -5.95 29.50
C13 YF2 O . -1.98 -7.13 29.18
C14 YF2 O . -1.66 -8.46 29.43
C15 YF2 O . -2.51 -9.47 28.97
C16 YF2 O . -2.20 -10.88 29.22
C17 YF2 O . -3.10 -11.80 29.67
N4 YF2 O . -2.52 -13.03 29.75
C18 YF2 O . -3.20 -14.26 30.18
C19 YF2 O . -1.21 -12.92 29.38
C20 YF2 O . -0.97 -11.59 29.03
C21 YF2 O . 0.32 -11.21 28.62
C22 YF2 O . 1.31 -12.11 28.57
N5 YF2 O . 1.05 -13.41 28.90
C23 YF2 O . -0.18 -13.91 29.33
O1 YF2 O . -0.29 -15.11 29.61
C24 YF2 O . -3.67 -9.14 28.26
C25 YF2 O . -3.99 -7.81 28.01
N6 YF2 O . -5.14 -7.41 27.32
S1 YF2 O . -5.78 -8.09 25.99
O2 YF2 O . -4.90 -9.07 25.48
C26 YF2 O . -7.24 -8.88 26.61
C27 YF2 O . -7.07 -9.74 27.86
O3 YF2 O . -6.19 -7.05 25.12
C28 YF2 O . -3.14 -6.79 28.47
C29 YF2 O . -3.19 -5.38 28.39
C30 YF2 O . -2.10 -4.91 29.03
C1 YF2 P . -35.22 -20.12 15.63
C2 YF2 P . -35.02 -18.70 15.04
C3 YF2 P . -36.34 -17.90 15.12
C4 YF2 P . -36.63 -16.88 14.22
C5 YF2 P . -37.81 -16.16 14.35
C6 YF2 P . -38.66 -16.45 15.39
C7 YF2 P . -38.30 -17.45 16.26
N1 YF2 P . -37.15 -18.17 16.15
C8 YF2 P . -34.60 -18.73 13.58
N2 YF2 P . -33.95 -17.63 13.15
C9 YF2 P . -33.55 -17.59 11.87
C10 YF2 P . -33.76 -18.61 10.99
C11 YF2 P . -34.43 -19.72 11.44
C12 YF2 P . -34.85 -19.79 12.75
N3 YF2 P . -33.98 -18.00 15.79
C13 YF2 P . -32.64 -18.36 15.89
C14 YF2 P . -31.90 -19.43 15.40
C15 YF2 P . -30.55 -19.55 15.72
C16 YF2 P . -29.77 -20.69 15.20
C17 YF2 P . -28.55 -20.61 14.58
N4 YF2 P . -28.14 -21.87 14.18
C18 YF2 P . -26.87 -22.14 13.47
C19 YF2 P . -29.10 -22.78 14.54
C20 YF2 P . -30.14 -22.10 15.18
C21 YF2 P . -31.27 -22.82 15.64
C22 YF2 P . -31.35 -24.16 15.45
N5 YF2 P . -30.33 -24.81 14.80
C23 YF2 P . -29.16 -24.20 14.32
O1 YF2 P . -28.30 -24.88 13.73
C24 YF2 P . -29.92 -18.59 16.50
C25 YF2 P . -30.66 -17.51 16.99
N6 YF2 P . -30.11 -16.55 17.84
S1 YF2 P . -29.23 -16.87 19.18
O2 YF2 P . -29.82 -16.25 20.33
C26 YF2 P . -27.70 -16.10 18.72
C27 YF2 P . -27.29 -16.64 17.35
O3 YF2 P . -28.99 -18.27 19.25
C28 YF2 P . -32.03 -17.38 16.69
C29 YF2 P . -33.02 -16.43 17.05
C30 YF2 P . -34.17 -16.84 16.48
#